data_3WH9
#
_entry.id   3WH9
#
_cell.length_a   93.584
_cell.length_b   97.051
_cell.length_c   147.838
_cell.angle_alpha   90.00
_cell.angle_beta   90.00
_cell.angle_gamma   90.00
#
_symmetry.space_group_name_H-M   'C 2 2 21'
#
loop_
_entity.id
_entity.type
_entity.pdbx_description
1 polymer Endo-beta-1,4-mannanase
2 branched 2-acetamido-2-deoxy-beta-D-glucopyranose-(1-4)-2-acetamido-2-deoxy-beta-D-glucopyranose
3 non-polymer 2-acetamido-2-deoxy-beta-D-glucopyranose
4 non-polymer 2-AMINO-2-HYDROXYMETHYL-PROPANE-1,3-DIOL
5 non-polymer 'CHLORIDE ION'
6 water water
#
_entity_poly.entity_id   1
_entity_poly.type   'polypeptide(L)'
_entity_poly.pdbx_seq_one_letter_code
;SFASTSGLQFTIDGETGYFAGTNSYWIGFLTDNADVDLVMGHLKSSGLKILRVWGFNDVTSQPSSGTVWYQLHQDGKSTI
NTGADGLQRLDYVVSSAEQHDIKLIINFVNYWTDYGGMSAYVSAYGGSGETDFYTSDTMQSAYQTYIKTVVERYSNSSAV
FAWELANEPRCPSCDTSVLYNWIEKTSKFIKGLDADRMVCIGDEGFGLNIDSDGSYPYQFSEGLNFTMNLDIDTIDFGTL
HLYPDSWGTSDDWGNGWITAHGAACKAAGKPCLLEEYGVTSNHCSVEGAWQKTALSTTGVGADLFWQYGDDLSTGKSPDD
GNTIYYGTSDYQCLVTDHVAAIGSA
;
_entity_poly.pdbx_strand_id   A,B
#
loop_
_chem_comp.id
_chem_comp.type
_chem_comp.name
_chem_comp.formula
CL non-polymer 'CHLORIDE ION' 'Cl -1'
NAG D-saccharide, beta linking 2-acetamido-2-deoxy-beta-D-glucopyranose 'C8 H15 N O6'
TRS non-polymer 2-AMINO-2-HYDROXYMETHYL-PROPANE-1,3-DIOL 'C4 H12 N O3 1'
#
# COMPACT_ATOMS: atom_id res chain seq x y z
N SER A 1 20.52 3.55 -34.14
CA SER A 1 19.84 4.77 -33.64
C SER A 1 19.04 4.48 -32.36
N PHE A 2 17.81 3.97 -32.49
CA PHE A 2 17.06 3.66 -31.25
C PHE A 2 17.36 2.24 -30.83
N ALA A 3 17.21 1.96 -29.54
CA ALA A 3 17.45 0.60 -29.06
C ALA A 3 16.49 -0.37 -29.72
N SER A 4 16.90 -1.63 -29.85
CA SER A 4 16.04 -2.58 -30.57
C SER A 4 16.21 -4.01 -30.09
N THR A 5 15.48 -4.92 -30.74
CA THR A 5 15.64 -6.32 -30.45
C THR A 5 16.38 -6.96 -31.62
N SER A 6 17.12 -8.00 -31.32
CA SER A 6 17.84 -8.77 -32.33
C SER A 6 17.58 -10.21 -31.88
N GLY A 7 16.56 -10.87 -32.47
CA GLY A 7 16.23 -12.23 -32.03
C GLY A 7 15.70 -12.16 -30.59
N LEU A 8 16.28 -12.94 -29.66
CA LEU A 8 15.87 -12.94 -28.28
C LEU A 8 16.73 -11.99 -27.44
N GLN A 9 17.60 -11.19 -28.07
CA GLN A 9 18.46 -10.25 -27.36
C GLN A 9 18.10 -8.79 -27.64
N PHE A 10 18.63 -7.88 -26.84
CA PHE A 10 18.46 -6.45 -27.09
C PHE A 10 19.75 -5.89 -27.70
N THR A 11 19.60 -4.80 -28.44
CA THR A 11 20.73 -4.04 -29.00
C THR A 11 20.68 -2.58 -28.47
N ILE A 12 21.79 -2.11 -27.89
CA ILE A 12 21.87 -0.74 -27.38
C ILE A 12 23.19 -0.15 -27.90
N ASP A 13 23.08 1.04 -28.52
CA ASP A 13 24.24 1.74 -29.03
C ASP A 13 25.08 0.79 -29.91
N GLY A 14 24.38 0.00 -30.71
CA GLY A 14 25.04 -0.92 -31.62
C GLY A 14 25.59 -2.22 -31.05
N GLU A 15 25.45 -2.40 -29.72
CA GLU A 15 25.95 -3.59 -29.06
C GLU A 15 24.80 -4.53 -28.76
N THR A 16 24.91 -5.77 -29.20
CA THR A 16 23.88 -6.76 -28.97
C THR A 16 24.32 -7.71 -27.88
N GLY A 17 23.54 -7.84 -26.81
CA GLY A 17 24.00 -8.73 -25.75
C GLY A 17 23.12 -8.54 -24.53
N TYR A 18 23.42 -9.23 -23.44
CA TYR A 18 22.61 -9.07 -22.22
C TYR A 18 22.91 -7.78 -21.48
N PHE A 19 21.87 -7.16 -20.92
CA PHE A 19 22.07 -5.91 -20.18
C PHE A 19 21.46 -5.93 -18.78
N ALA A 20 22.13 -5.21 -17.87
CA ALA A 20 21.60 -5.06 -16.49
C ALA A 20 21.13 -3.62 -16.36
N GLY A 21 20.06 -3.46 -15.61
CA GLY A 21 19.57 -2.13 -15.32
C GLY A 21 18.83 -2.13 -14.01
N THR A 22 18.04 -1.08 -13.84
CA THR A 22 17.34 -0.96 -12.55
C THR A 22 16.14 -0.06 -12.72
N ASN A 23 15.46 0.19 -11.57
CA ASN A 23 14.27 1.03 -11.53
C ASN A 23 14.49 2.21 -10.60
N SER A 24 13.97 3.39 -10.98
CA SER A 24 13.97 4.57 -10.10
C SER A 24 12.65 5.31 -10.41
N TYR A 25 11.57 4.96 -9.74
CA TYR A 25 10.31 5.60 -10.11
C TYR A 25 10.28 7.08 -9.75
N TRP A 26 11.09 7.41 -8.78
CA TRP A 26 11.07 8.75 -8.23
C TRP A 26 11.92 9.78 -8.94
N ILE A 27 12.74 9.37 -9.90
CA ILE A 27 13.67 10.34 -10.45
C ILE A 27 13.05 11.49 -11.22
N GLY A 28 11.93 11.19 -11.85
CA GLY A 28 11.25 12.23 -12.61
C GLY A 28 10.46 13.22 -11.74
N PHE A 29 10.45 12.98 -10.44
CA PHE A 29 9.73 13.87 -9.52
C PHE A 29 10.68 14.67 -8.62
N LEU A 30 11.97 14.47 -8.81
CA LEU A 30 12.95 15.26 -8.05
C LEU A 30 12.91 16.66 -8.62
N THR A 31 13.29 17.63 -7.81
CA THR A 31 13.34 18.99 -8.34
C THR A 31 14.75 19.54 -8.45
N ASP A 32 15.73 18.77 -8.02
CA ASP A 32 17.15 19.24 -8.03
C ASP A 32 17.90 18.52 -9.13
N ASN A 33 18.34 19.28 -10.14
CA ASN A 33 19.08 18.70 -11.27
C ASN A 33 20.35 17.97 -10.86
N ALA A 34 21.02 18.47 -9.82
CA ALA A 34 22.27 17.82 -9.41
C ALA A 34 21.98 16.39 -8.94
N ASP A 35 20.83 16.18 -8.32
CA ASP A 35 20.52 14.82 -7.86
C ASP A 35 20.27 13.88 -9.03
N VAL A 36 19.57 14.37 -10.05
CA VAL A 36 19.35 13.55 -11.26
C VAL A 36 20.72 13.18 -11.88
N ASP A 37 21.59 14.20 -12.04
CA ASP A 37 22.92 13.93 -12.61
C ASP A 37 23.77 13.00 -11.75
N LEU A 38 23.65 13.11 -10.43
CA LEU A 38 24.38 12.25 -9.50
C LEU A 38 23.97 10.79 -9.76
N VAL A 39 22.67 10.55 -9.88
CA VAL A 39 22.18 9.21 -10.11
C VAL A 39 22.67 8.71 -11.47
N MET A 40 22.50 9.51 -12.53
CA MET A 40 22.87 9.06 -13.85
C MET A 40 24.37 8.74 -13.93
N GLY A 41 25.17 9.54 -13.24
CA GLY A 41 26.61 9.29 -13.25
C GLY A 41 26.96 7.96 -12.57
N HIS A 42 26.30 7.71 -11.47
CA HIS A 42 26.49 6.44 -10.76
C HIS A 42 25.99 5.25 -11.57
N LEU A 43 24.86 5.39 -12.26
CA LEU A 43 24.41 4.28 -13.11
C LEU A 43 25.46 4.02 -14.22
N LYS A 44 25.97 5.09 -14.80
CA LYS A 44 26.94 4.93 -15.87
C LYS A 44 28.22 4.24 -15.38
N SER A 45 28.77 4.69 -14.26
CA SER A 45 30.00 4.07 -13.78
C SER A 45 29.73 2.67 -13.21
N SER A 46 28.46 2.31 -13.03
CA SER A 46 28.13 0.95 -12.57
C SER A 46 27.88 -0.01 -13.72
N GLY A 47 27.73 0.53 -14.94
CA GLY A 47 27.49 -0.32 -16.09
C GLY A 47 25.99 -0.67 -16.22
N LEU A 48 25.12 0.00 -15.46
CA LEU A 48 23.68 -0.25 -15.57
C LEU A 48 23.23 0.58 -16.79
N LYS A 49 22.69 -0.09 -17.79
CA LYS A 49 22.42 0.63 -19.03
C LYS A 49 20.98 0.98 -19.28
N ILE A 50 20.10 0.37 -18.49
CA ILE A 50 18.67 0.61 -18.66
C ILE A 50 18.10 1.07 -17.34
N LEU A 51 17.38 2.20 -17.39
CA LEU A 51 16.73 2.71 -16.17
C LEU A 51 15.23 2.85 -16.45
N ARG A 52 14.43 2.21 -15.60
CA ARG A 52 12.94 2.29 -15.75
C ARG A 52 12.47 3.36 -14.78
N VAL A 53 11.68 4.29 -15.29
CA VAL A 53 11.20 5.44 -14.51
C VAL A 53 9.67 5.55 -14.74
N TRP A 54 9.02 6.28 -13.82
CA TRP A 54 7.58 6.52 -14.01
C TRP A 54 7.47 7.73 -14.96
N GLY A 55 6.70 7.55 -16.03
CA GLY A 55 6.44 8.66 -16.95
C GLY A 55 5.07 9.28 -16.74
N PHE A 56 4.49 9.07 -15.55
CA PHE A 56 3.17 9.57 -15.20
C PHE A 56 3.26 10.19 -13.82
N ASN A 57 2.28 11.03 -13.55
CA ASN A 57 2.08 11.63 -12.24
C ASN A 57 0.75 12.35 -12.33
N ASP A 58 -0.30 11.58 -12.02
CA ASP A 58 -1.69 12.00 -12.18
C ASP A 58 -2.34 12.48 -10.90
N VAL A 59 -2.99 13.63 -11.00
CA VAL A 59 -3.69 14.23 -9.85
C VAL A 59 -5.11 14.66 -10.24
N THR A 60 -5.98 14.81 -9.22
CA THR A 60 -7.37 15.22 -9.48
C THR A 60 -7.62 16.66 -9.02
N SER A 61 -6.57 17.29 -8.50
CA SER A 61 -6.60 18.71 -8.14
C SER A 61 -5.15 19.18 -8.11
N GLN A 62 -4.93 20.47 -8.36
CA GLN A 62 -3.54 20.88 -8.35
C GLN A 62 -2.97 20.69 -6.94
N PRO A 63 -1.78 20.05 -6.82
CA PRO A 63 -1.15 19.81 -5.51
C PRO A 63 -0.56 21.06 -4.93
N SER A 64 -0.11 20.96 -3.69
CA SER A 64 0.44 22.14 -3.08
C SER A 64 1.65 22.50 -3.89
N SER A 65 1.89 23.81 -4.00
CA SER A 65 3.01 24.34 -4.76
C SER A 65 4.33 23.71 -4.39
N GLY A 66 5.10 23.35 -5.43
CA GLY A 66 6.40 22.74 -5.24
C GLY A 66 6.37 21.24 -5.52
N THR A 67 5.20 20.64 -5.45
CA THR A 67 5.09 19.21 -5.67
C THR A 67 4.95 19.00 -7.17
N VAL A 68 5.73 18.07 -7.70
CA VAL A 68 5.72 17.79 -9.12
C VAL A 68 4.43 17.07 -9.48
N TRP A 69 3.86 17.44 -10.61
CA TRP A 69 2.65 16.75 -11.14
C TRP A 69 2.72 16.83 -12.65
N TYR A 70 2.28 15.76 -13.36
CA TYR A 70 2.33 15.76 -14.81
C TYR A 70 0.96 15.98 -15.51
N GLN A 71 -0.11 15.47 -14.90
CA GLN A 71 -1.41 15.58 -15.54
C GLN A 71 -2.48 15.73 -14.50
N LEU A 72 -3.41 16.68 -14.76
CA LEU A 72 -4.52 16.97 -13.85
C LEU A 72 -5.81 16.52 -14.50
N HIS A 73 -6.65 15.82 -13.75
CA HIS A 73 -7.94 15.33 -14.31
C HIS A 73 -9.00 15.96 -13.44
N GLN A 74 -9.72 16.95 -14.00
CA GLN A 74 -10.67 17.70 -13.21
C GLN A 74 -11.69 18.31 -14.18
N ASP A 75 -12.90 18.48 -13.68
CA ASP A 75 -13.98 19.04 -14.50
C ASP A 75 -14.14 18.36 -15.84
N GLY A 76 -13.89 17.07 -15.84
CA GLY A 76 -14.09 16.31 -17.06
C GLY A 76 -13.07 16.51 -18.17
N LYS A 77 -11.91 17.05 -17.80
CA LYS A 77 -10.87 17.30 -18.77
C LYS A 77 -9.52 16.94 -18.15
N SER A 78 -8.58 16.66 -19.01
CA SER A 78 -7.23 16.34 -18.55
C SER A 78 -6.32 17.40 -19.07
N THR A 79 -5.58 17.99 -18.13
CA THR A 79 -4.64 19.07 -18.43
C THR A 79 -3.20 18.61 -18.17
N ILE A 80 -2.28 18.88 -19.11
CA ILE A 80 -0.88 18.41 -18.91
C ILE A 80 0.04 19.54 -18.45
N ASN A 81 0.80 19.30 -17.38
CA ASN A 81 1.70 20.31 -16.81
C ASN A 81 3.03 20.33 -17.58
N THR A 82 3.26 21.38 -18.34
CA THR A 82 4.52 21.47 -19.09
C THR A 82 5.48 22.46 -18.40
N GLY A 83 5.11 22.89 -17.18
CA GLY A 83 5.93 23.83 -16.42
C GLY A 83 7.15 23.23 -15.72
N ALA A 84 7.82 24.08 -14.93
CA ALA A 84 9.04 23.65 -14.25
C ALA A 84 8.77 22.56 -13.24
N ASP A 85 7.56 22.51 -12.71
CA ASP A 85 7.25 21.46 -11.73
C ASP A 85 6.38 20.37 -12.40
N GLY A 86 6.52 20.27 -13.71
CA GLY A 86 5.77 19.32 -14.51
C GLY A 86 6.69 18.49 -15.38
N LEU A 87 6.32 18.34 -16.67
CA LEU A 87 7.12 17.55 -17.57
C LEU A 87 8.54 18.05 -17.78
N GLN A 88 8.84 19.29 -17.39
CA GLN A 88 10.25 19.74 -17.51
C GLN A 88 11.09 18.89 -16.56
N ARG A 89 10.50 18.26 -15.52
CA ARG A 89 11.33 17.40 -14.64
C ARG A 89 11.67 16.09 -15.39
N LEU A 90 10.75 15.58 -16.21
CA LEU A 90 11.03 14.38 -16.95
C LEU A 90 12.00 14.78 -18.05
N ASP A 91 11.86 16.00 -18.57
CA ASP A 91 12.79 16.41 -19.64
C ASP A 91 14.22 16.29 -19.12
N TYR A 92 14.43 16.67 -17.86
CA TYR A 92 15.80 16.67 -17.35
C TYR A 92 16.30 15.25 -17.22
N VAL A 93 15.40 14.34 -16.88
CA VAL A 93 15.81 12.96 -16.80
C VAL A 93 16.20 12.44 -18.19
N VAL A 94 15.39 12.77 -19.21
CA VAL A 94 15.71 12.31 -20.54
C VAL A 94 17.06 12.92 -21.03
N SER A 95 17.25 14.21 -20.79
CA SER A 95 18.47 14.89 -21.20
C SER A 95 19.69 14.37 -20.45
N SER A 96 19.52 14.08 -19.17
CA SER A 96 20.65 13.57 -18.39
C SER A 96 20.97 12.14 -18.85
N ALA A 97 19.95 11.37 -19.19
CA ALA A 97 20.14 10.02 -19.69
C ALA A 97 20.93 10.08 -21.01
N GLU A 98 20.56 10.98 -21.90
CA GLU A 98 21.31 11.14 -23.17
C GLU A 98 22.76 11.44 -22.86
N GLN A 99 23.00 12.37 -21.95
CA GLN A 99 24.39 12.75 -21.63
C GLN A 99 25.19 11.62 -21.03
N HIS A 100 24.55 10.77 -20.24
CA HIS A 100 25.24 9.70 -19.53
C HIS A 100 25.16 8.34 -20.19
N ASP A 101 24.61 8.33 -21.40
CA ASP A 101 24.47 7.10 -22.15
C ASP A 101 23.64 6.06 -21.42
N ILE A 102 22.48 6.47 -20.88
CA ILE A 102 21.58 5.54 -20.16
C ILE A 102 20.31 5.52 -21.02
N LYS A 103 19.67 4.35 -21.15
CA LYS A 103 18.42 4.26 -21.91
C LYS A 103 17.27 4.10 -20.90
N LEU A 104 16.16 4.76 -21.20
CA LEU A 104 15.02 4.78 -20.28
C LEU A 104 13.81 4.00 -20.73
N ILE A 105 13.18 3.29 -19.78
CA ILE A 105 11.85 2.73 -20.05
C ILE A 105 10.92 3.70 -19.34
N ILE A 106 9.96 4.27 -20.11
CA ILE A 106 9.07 5.29 -19.57
C ILE A 106 7.65 4.79 -19.78
N ASN A 107 6.93 4.60 -18.65
CA ASN A 107 5.53 4.18 -18.74
C ASN A 107 4.54 5.32 -18.58
N PHE A 108 3.32 5.06 -19.03
CA PHE A 108 2.35 6.15 -19.12
C PHE A 108 1.26 6.27 -18.07
N VAL A 109 1.07 5.22 -17.28
CA VAL A 109 0.06 5.24 -16.20
C VAL A 109 0.34 4.13 -15.22
N ASN A 110 -0.07 4.35 -13.96
CA ASN A 110 0.10 3.29 -12.96
C ASN A 110 -1.20 2.50 -12.86
N TYR A 111 -1.13 1.17 -12.72
CA TYR A 111 -2.36 0.42 -12.38
C TYR A 111 -2.66 0.80 -10.92
N TRP A 112 -1.64 0.90 -10.09
CA TRP A 112 -1.85 1.23 -8.67
C TRP A 112 -2.19 2.68 -8.42
N THR A 113 -2.66 2.98 -7.21
CA THR A 113 -3.05 4.37 -6.91
C THR A 113 -1.92 5.36 -6.66
N ASP A 114 -0.68 4.88 -6.48
CA ASP A 114 0.46 5.77 -6.27
C ASP A 114 0.65 6.64 -7.51
N TYR A 115 0.71 7.93 -7.25
CA TYR A 115 0.82 8.92 -8.30
C TYR A 115 -0.40 8.92 -9.20
N GLY A 116 -1.55 8.66 -8.57
CA GLY A 116 -2.86 8.77 -9.19
C GLY A 116 -3.34 7.49 -9.80
N GLY A 117 -2.62 7.08 -10.83
CA GLY A 117 -3.00 5.87 -11.55
C GLY A 117 -4.33 5.89 -12.24
N MET A 118 -4.69 4.72 -12.74
CA MET A 118 -5.96 4.55 -13.47
C MET A 118 -7.11 5.04 -12.57
N SER A 119 -6.97 4.87 -11.27
CA SER A 119 -8.00 5.33 -10.34
C SER A 119 -8.24 6.85 -10.41
N ALA A 120 -7.19 7.66 -10.64
CA ALA A 120 -7.38 9.10 -10.76
C ALA A 120 -8.23 9.39 -12.03
N TYR A 121 -7.97 8.63 -13.11
CA TYR A 121 -8.81 8.80 -14.32
C TYR A 121 -10.23 8.41 -13.99
N VAL A 122 -10.43 7.27 -13.33
CA VAL A 122 -11.80 6.83 -13.00
C VAL A 122 -12.49 7.86 -12.07
N SER A 123 -11.78 8.45 -11.12
CA SER A 123 -12.35 9.47 -10.20
C SER A 123 -12.90 10.66 -11.01
N ALA A 124 -12.11 11.06 -12.01
CA ALA A 124 -12.50 12.21 -12.79
C ALA A 124 -13.52 11.92 -13.89
N TYR A 125 -13.45 10.74 -14.47
CA TYR A 125 -14.27 10.42 -15.65
C TYR A 125 -15.48 9.56 -15.35
N GLY A 126 -15.47 8.92 -14.19
CA GLY A 126 -16.62 8.10 -13.79
C GLY A 126 -16.37 6.63 -14.00
N GLY A 127 -17.04 5.81 -13.19
CA GLY A 127 -16.85 4.38 -13.30
C GLY A 127 -16.52 3.83 -11.93
N SER A 128 -16.16 2.56 -11.91
CA SER A 128 -15.88 1.90 -10.65
C SER A 128 -14.65 1.00 -10.74
N GLY A 129 -13.62 1.38 -9.99
CA GLY A 129 -12.39 0.57 -9.96
C GLY A 129 -11.54 0.74 -11.20
N GLU A 130 -10.26 0.37 -11.08
CA GLU A 130 -9.35 0.52 -12.20
C GLU A 130 -9.84 -0.16 -13.47
N THR A 131 -10.58 -1.27 -13.37
CA THR A 131 -10.90 -1.98 -14.62
C THR A 131 -11.73 -1.20 -15.62
N ASP A 132 -12.47 -0.21 -15.15
CA ASP A 132 -13.29 0.56 -16.08
C ASP A 132 -12.41 1.42 -16.93
N PHE A 133 -11.17 1.62 -16.49
CA PHE A 133 -10.29 2.45 -17.30
C PHE A 133 -10.07 1.91 -18.72
N TYR A 134 -9.90 0.61 -18.84
CA TYR A 134 -9.50 0.03 -20.12
C TYR A 134 -10.50 0.22 -21.21
N THR A 135 -11.77 0.10 -20.86
CA THR A 135 -12.78 0.22 -21.92
C THR A 135 -13.52 1.54 -21.94
N SER A 136 -13.13 2.47 -21.11
CA SER A 136 -13.75 3.79 -21.12
C SER A 136 -13.21 4.60 -22.28
N ASP A 137 -14.09 5.03 -23.19
CA ASP A 137 -13.61 5.82 -24.32
C ASP A 137 -13.09 7.20 -23.92
N THR A 138 -13.71 7.81 -22.91
CA THR A 138 -13.25 9.13 -22.49
C THR A 138 -11.89 8.98 -21.78
N MET A 139 -11.74 7.93 -20.96
CA MET A 139 -10.44 7.81 -20.29
C MET A 139 -9.35 7.43 -21.30
N GLN A 140 -9.66 6.54 -22.25
CA GLN A 140 -8.67 6.15 -23.24
C GLN A 140 -8.31 7.35 -24.12
N SER A 141 -9.27 8.24 -24.36
CA SER A 141 -8.95 9.40 -25.13
C SER A 141 -7.97 10.31 -24.38
N ALA A 142 -8.19 10.51 -23.10
CA ALA A 142 -7.31 11.36 -22.28
C ALA A 142 -5.90 10.73 -22.18
N TYR A 143 -5.86 9.43 -21.93
CA TYR A 143 -4.64 8.63 -21.79
C TYR A 143 -3.90 8.69 -23.12
N GLN A 144 -4.59 8.48 -24.25
CA GLN A 144 -3.88 8.60 -25.56
C GLN A 144 -3.37 10.00 -25.84
N THR A 145 -4.06 11.06 -25.40
CA THR A 145 -3.54 12.42 -25.62
C THR A 145 -2.29 12.65 -24.76
N TYR A 146 -2.28 12.04 -23.59
CA TYR A 146 -1.09 12.15 -22.71
C TYR A 146 0.06 11.43 -23.36
N ILE A 147 -0.18 10.17 -23.81
CA ILE A 147 0.82 9.40 -24.55
C ILE A 147 1.37 10.21 -25.74
N LYS A 148 0.47 10.80 -26.50
CA LYS A 148 0.95 11.54 -27.66
C LYS A 148 1.83 12.71 -27.27
N THR A 149 1.46 13.42 -26.20
CA THR A 149 2.22 14.56 -25.77
C THR A 149 3.62 14.10 -25.32
N VAL A 150 3.67 13.01 -24.55
CA VAL A 150 4.96 12.56 -24.09
C VAL A 150 5.84 12.05 -25.21
N VAL A 151 5.31 11.15 -26.03
CA VAL A 151 6.06 10.55 -27.13
C VAL A 151 6.57 11.63 -28.06
N GLU A 152 5.71 12.60 -28.43
CA GLU A 152 6.23 13.67 -29.32
C GLU A 152 7.28 14.59 -28.68
N ARG A 153 7.18 14.80 -27.38
CA ARG A 153 8.13 15.60 -26.69
C ARG A 153 9.56 15.05 -26.81
N TYR A 154 9.69 13.72 -26.83
CA TYR A 154 11.02 13.11 -26.89
C TYR A 154 11.33 12.47 -28.21
N SER A 155 10.61 12.90 -29.25
CA SER A 155 10.77 12.24 -30.53
C SER A 155 12.15 12.30 -31.14
N ASN A 156 12.94 13.32 -30.77
CA ASN A 156 14.28 13.45 -31.30
C ASN A 156 15.34 12.86 -30.37
N SER A 157 14.91 12.26 -29.25
CA SER A 157 15.89 11.70 -28.31
C SER A 157 16.16 10.22 -28.56
N SER A 158 17.43 9.85 -28.49
CA SER A 158 17.81 8.47 -28.63
C SER A 158 17.86 7.78 -27.26
N ALA A 159 17.49 8.48 -26.18
CA ALA A 159 17.64 7.84 -24.89
C ALA A 159 16.47 7.02 -24.41
N VAL A 160 15.41 6.93 -25.22
CA VAL A 160 14.28 6.11 -24.75
C VAL A 160 14.44 4.66 -25.24
N PHE A 161 14.59 3.74 -24.30
CA PHE A 161 14.69 2.32 -24.60
C PHE A 161 13.36 1.81 -25.13
N ALA A 162 12.26 2.13 -24.41
CA ALA A 162 10.95 1.64 -24.84
C ALA A 162 9.88 2.42 -24.17
N TRP A 163 8.73 2.53 -24.87
CA TRP A 163 7.54 3.13 -24.28
C TRP A 163 6.78 1.93 -23.65
N GLU A 164 6.29 2.11 -22.42
CA GLU A 164 5.61 1.03 -21.73
C GLU A 164 4.16 1.49 -21.41
N LEU A 165 3.21 0.61 -21.69
CA LEU A 165 1.82 0.99 -21.49
C LEU A 165 1.50 1.44 -20.09
N ALA A 166 1.92 0.63 -19.12
CA ALA A 166 1.55 0.98 -17.74
C ALA A 166 2.38 0.20 -16.79
N ASN A 167 2.33 0.64 -15.52
CA ASN A 167 3.00 -0.17 -14.49
C ASN A 167 2.03 -1.18 -13.91
N GLU A 168 2.35 -2.47 -14.11
CA GLU A 168 1.60 -3.59 -13.54
C GLU A 168 0.09 -3.59 -13.83
N PRO A 169 -0.28 -3.42 -15.11
CA PRO A 169 -1.73 -3.45 -15.39
C PRO A 169 -2.32 -4.81 -15.03
N ARG A 170 -3.50 -4.82 -14.39
CA ARG A 170 -4.22 -6.05 -14.10
C ARG A 170 -5.70 -5.82 -14.43
N CYS A 171 -6.45 -6.91 -14.58
CA CYS A 171 -7.91 -6.76 -14.79
C CYS A 171 -8.38 -7.99 -13.99
N PRO A 172 -8.55 -7.81 -12.64
CA PRO A 172 -8.95 -8.96 -11.81
C PRO A 172 -10.23 -9.63 -12.23
N SER A 173 -10.14 -10.94 -12.46
CA SER A 173 -11.25 -11.79 -12.87
C SER A 173 -11.81 -11.42 -14.24
N CYS A 174 -11.11 -10.59 -15.00
CA CYS A 174 -11.62 -10.26 -16.31
C CYS A 174 -11.22 -11.34 -17.29
N ASP A 175 -12.00 -11.43 -18.35
CA ASP A 175 -11.63 -12.33 -19.41
C ASP A 175 -10.29 -11.77 -19.93
N THR A 176 -9.36 -12.65 -20.29
CA THR A 176 -8.04 -12.19 -20.78
C THR A 176 -8.13 -11.34 -22.02
N SER A 177 -9.25 -11.37 -22.73
CA SER A 177 -9.34 -10.54 -23.92
C SER A 177 -9.43 -9.06 -23.61
N VAL A 178 -9.87 -8.67 -22.41
CA VAL A 178 -9.98 -7.24 -22.11
C VAL A 178 -8.56 -6.58 -22.19
N LEU A 179 -7.61 -7.14 -21.46
CA LEU A 179 -6.25 -6.56 -21.54
C LEU A 179 -5.62 -6.80 -22.90
N TYR A 180 -5.85 -7.98 -23.46
CA TYR A 180 -5.33 -8.22 -24.81
C TYR A 180 -5.78 -7.09 -25.75
N ASN A 181 -7.09 -6.80 -25.81
CA ASN A 181 -7.60 -5.77 -26.69
C ASN A 181 -7.08 -4.38 -26.39
N TRP A 182 -6.92 -4.07 -25.10
CA TRP A 182 -6.42 -2.74 -24.75
C TRP A 182 -4.92 -2.65 -25.12
N ILE A 183 -4.18 -3.72 -24.91
CA ILE A 183 -2.75 -3.68 -25.25
C ILE A 183 -2.58 -3.52 -26.78
N GLU A 184 -3.37 -4.25 -27.54
CA GLU A 184 -3.29 -4.15 -28.99
C GLU A 184 -3.62 -2.71 -29.45
N LYS A 185 -4.73 -2.15 -28.97
CA LYS A 185 -5.12 -0.80 -29.34
C LYS A 185 -4.07 0.25 -28.93
N THR A 186 -3.54 0.11 -27.72
CA THR A 186 -2.63 1.14 -27.23
C THR A 186 -1.30 1.04 -27.90
N SER A 187 -0.78 -0.18 -28.05
CA SER A 187 0.54 -0.32 -28.68
C SER A 187 0.46 0.12 -30.18
N LYS A 188 -0.68 -0.14 -30.85
CA LYS A 188 -0.79 0.32 -32.25
C LYS A 188 -0.75 1.82 -32.30
N PHE A 189 -1.40 2.46 -31.33
CA PHE A 189 -1.48 3.90 -31.30
C PHE A 189 -0.04 4.46 -31.11
N ILE A 190 0.70 3.87 -30.17
CA ILE A 190 2.06 4.34 -29.93
C ILE A 190 2.92 4.14 -31.18
N LYS A 191 2.84 2.97 -31.79
CA LYS A 191 3.63 2.74 -32.98
C LYS A 191 3.29 3.76 -34.09
N GLY A 192 2.05 4.24 -34.12
CA GLY A 192 1.71 5.22 -35.15
C GLY A 192 2.44 6.51 -35.00
N LEU A 193 2.74 6.84 -33.74
CA LEU A 193 3.43 8.05 -33.42
C LEU A 193 4.95 7.92 -33.48
N ASP A 194 5.45 6.73 -33.18
CA ASP A 194 6.90 6.54 -33.07
C ASP A 194 7.19 5.14 -33.51
N ALA A 195 7.21 4.92 -34.82
CA ALA A 195 7.37 3.58 -35.37
C ALA A 195 8.63 2.80 -35.01
N ASP A 196 9.71 3.53 -34.78
CA ASP A 196 10.95 2.87 -34.47
C ASP A 196 11.29 2.61 -33.05
N ARG A 197 10.45 3.09 -32.12
CA ARG A 197 10.73 2.90 -30.72
C ARG A 197 10.09 1.60 -30.26
N MET A 198 10.80 0.83 -29.43
CA MET A 198 10.21 -0.42 -28.88
C MET A 198 9.05 -0.06 -27.93
N VAL A 199 8.08 -0.98 -27.86
CA VAL A 199 6.91 -0.83 -26.97
C VAL A 199 6.75 -2.13 -26.16
N CYS A 200 6.45 -1.97 -24.87
CA CYS A 200 6.22 -3.15 -24.00
C CYS A 200 4.99 -2.86 -23.09
N ILE A 201 4.53 -3.91 -22.40
CA ILE A 201 3.32 -3.78 -21.62
C ILE A 201 3.54 -3.23 -20.22
N GLY A 202 4.51 -3.80 -19.50
CA GLY A 202 4.79 -3.42 -18.12
C GLY A 202 4.10 -4.33 -17.09
N ASP A 203 3.50 -5.43 -17.52
CA ASP A 203 2.81 -6.34 -16.58
C ASP A 203 3.77 -7.26 -15.87
N GLU A 204 3.21 -7.88 -14.84
CA GLU A 204 3.95 -8.75 -13.94
C GLU A 204 4.30 -10.12 -14.54
N GLY A 205 3.65 -10.46 -15.65
CA GLY A 205 3.97 -11.73 -16.36
C GLY A 205 3.02 -12.87 -16.05
N PHE A 206 1.93 -12.54 -15.39
CA PHE A 206 0.95 -13.56 -14.98
C PHE A 206 0.25 -14.23 -16.15
N GLY A 207 -0.25 -15.44 -15.86
CA GLY A 207 -1.01 -16.21 -16.86
C GLY A 207 -0.08 -16.93 -17.82
N LEU A 208 0.43 -18.07 -17.39
CA LEU A 208 1.42 -18.76 -18.22
C LEU A 208 1.21 -20.24 -18.19
N ASN A 209 0.95 -20.79 -19.38
CA ASN A 209 0.70 -22.21 -19.51
C ASN A 209 1.93 -23.04 -19.85
N ILE A 210 3.12 -22.49 -19.73
CA ILE A 210 4.34 -23.25 -19.98
C ILE A 210 4.93 -23.62 -18.62
N ASP A 211 5.10 -24.91 -18.39
CA ASP A 211 5.66 -25.36 -17.14
C ASP A 211 5.04 -24.80 -15.88
N SER A 212 3.74 -24.62 -15.92
CA SER A 212 2.99 -24.15 -14.77
C SER A 212 2.96 -25.13 -13.61
N ASP A 213 3.03 -24.60 -12.40
CA ASP A 213 2.92 -25.44 -11.22
C ASP A 213 1.53 -25.21 -10.63
N GLY A 214 0.65 -24.54 -11.38
CA GLY A 214 -0.68 -24.28 -10.89
C GLY A 214 -0.82 -23.18 -9.83
N SER A 215 0.29 -22.55 -9.44
CA SER A 215 0.22 -21.47 -8.44
C SER A 215 -0.45 -20.22 -9.03
N TYR A 216 -0.88 -19.34 -8.15
CA TYR A 216 -1.55 -18.12 -8.48
C TYR A 216 -0.93 -17.31 -9.64
N PRO A 217 0.38 -17.06 -9.61
CA PRO A 217 0.95 -16.26 -10.71
C PRO A 217 0.87 -16.87 -12.09
N TYR A 218 0.85 -18.21 -12.18
CA TYR A 218 0.76 -18.88 -13.44
C TYR A 218 -0.69 -18.92 -13.94
N GLN A 219 -1.64 -18.79 -13.02
CA GLN A 219 -3.02 -18.85 -13.42
C GLN A 219 -3.50 -17.54 -14.01
N PHE A 220 -4.75 -17.50 -14.43
CA PHE A 220 -5.25 -16.36 -15.17
C PHE A 220 -6.23 -15.46 -14.47
N SER A 221 -6.21 -15.43 -13.15
CA SER A 221 -7.12 -14.64 -12.33
C SER A 221 -6.93 -13.13 -12.34
N GLU A 222 -5.80 -12.66 -12.88
CA GLU A 222 -5.55 -11.21 -12.91
C GLU A 222 -5.77 -10.61 -14.31
N GLY A 223 -6.42 -11.40 -15.17
CA GLY A 223 -6.80 -10.94 -16.50
C GLY A 223 -5.69 -10.97 -17.54
N LEU A 224 -4.52 -11.44 -17.13
CA LEU A 224 -3.38 -11.48 -18.04
C LEU A 224 -3.09 -12.84 -18.62
N ASN A 225 -2.69 -12.87 -19.88
CA ASN A 225 -2.22 -14.13 -20.52
C ASN A 225 -0.90 -13.76 -21.18
N PHE A 226 0.20 -14.17 -20.57
CA PHE A 226 1.50 -13.83 -21.07
C PHE A 226 1.80 -14.21 -22.51
N THR A 227 1.52 -15.47 -22.86
CA THR A 227 1.84 -15.87 -24.22
C THR A 227 0.89 -15.23 -25.24
N MET A 228 -0.38 -15.13 -24.86
CA MET A 228 -1.29 -14.50 -25.79
C MET A 228 -0.93 -13.03 -26.07
N ASN A 229 -0.56 -12.28 -25.02
CA ASN A 229 -0.25 -10.87 -25.26
C ASN A 229 1.07 -10.65 -25.97
N LEU A 230 2.00 -11.56 -25.74
CA LEU A 230 3.34 -11.40 -26.32
C LEU A 230 3.28 -11.60 -27.83
N ASP A 231 2.19 -12.19 -28.33
CA ASP A 231 2.06 -12.37 -29.78
C ASP A 231 1.56 -11.12 -30.51
N ILE A 232 1.13 -10.09 -29.78
CA ILE A 232 0.70 -8.83 -30.39
C ILE A 232 1.86 -8.24 -31.19
N ASP A 233 1.60 -7.90 -32.46
CA ASP A 233 2.69 -7.47 -33.30
C ASP A 233 3.37 -6.16 -32.97
N THR A 234 2.65 -5.32 -32.23
CA THR A 234 3.14 -4.03 -31.87
C THR A 234 3.74 -4.00 -30.44
N ILE A 235 3.97 -5.21 -29.89
CA ILE A 235 4.66 -5.38 -28.60
C ILE A 235 6.04 -6.03 -28.98
N ASP A 236 7.15 -5.42 -28.59
CA ASP A 236 8.48 -5.93 -28.96
C ASP A 236 9.15 -6.93 -28.03
N PHE A 237 8.78 -6.92 -26.75
CA PHE A 237 9.37 -7.85 -25.80
C PHE A 237 8.40 -8.01 -24.63
N GLY A 238 8.57 -9.09 -23.89
CA GLY A 238 7.65 -9.37 -22.77
C GLY A 238 8.26 -8.82 -21.50
N THR A 239 7.41 -8.58 -20.51
CA THR A 239 7.89 -8.14 -19.20
C THR A 239 7.38 -9.08 -18.12
N LEU A 240 8.22 -9.30 -17.14
CA LEU A 240 7.78 -10.08 -15.98
C LEU A 240 8.33 -9.41 -14.72
N HIS A 241 7.57 -9.48 -13.62
CA HIS A 241 8.06 -8.97 -12.35
C HIS A 241 8.22 -10.19 -11.44
N LEU A 242 8.85 -10.03 -10.28
CA LEU A 242 9.07 -11.23 -9.43
C LEU A 242 9.14 -10.83 -7.96
N TYR A 243 8.08 -11.20 -7.21
CA TYR A 243 7.95 -10.89 -5.77
C TYR A 243 7.35 -12.07 -5.05
N PRO A 244 8.16 -13.12 -4.82
CA PRO A 244 7.63 -14.31 -4.13
C PRO A 244 6.92 -14.00 -2.80
N ASP A 245 7.46 -13.06 -2.04
CA ASP A 245 6.86 -12.71 -0.74
C ASP A 245 5.50 -12.07 -0.85
N SER A 246 5.18 -11.49 -1.99
CA SER A 246 3.86 -10.90 -2.16
C SER A 246 2.89 -11.89 -2.74
N TRP A 247 3.43 -12.94 -3.39
CA TRP A 247 2.59 -13.92 -4.07
C TRP A 247 2.46 -15.24 -3.35
N GLY A 248 3.08 -15.34 -2.20
CA GLY A 248 2.96 -16.58 -1.42
C GLY A 248 3.72 -17.76 -1.98
N THR A 249 4.84 -17.49 -2.65
CA THR A 249 5.65 -18.57 -3.18
C THR A 249 7.04 -18.46 -2.58
N SER A 250 7.87 -19.48 -2.78
CA SER A 250 9.22 -19.48 -2.23
C SER A 250 10.17 -18.69 -3.09
N ASP A 251 11.33 -18.42 -2.52
CA ASP A 251 12.38 -17.71 -3.22
C ASP A 251 12.86 -18.55 -4.38
N ASP A 252 13.07 -19.85 -4.15
CA ASP A 252 13.53 -20.72 -5.25
C ASP A 252 12.52 -20.77 -6.41
N TRP A 253 11.23 -20.64 -6.10
CA TRP A 253 10.17 -20.64 -7.12
C TRP A 253 10.45 -19.53 -8.17
N GLY A 254 11.16 -18.49 -7.72
CA GLY A 254 11.52 -17.40 -8.64
C GLY A 254 12.38 -17.85 -9.81
N ASN A 255 13.24 -18.84 -9.60
CA ASN A 255 14.06 -19.29 -10.72
C ASN A 255 13.16 -19.96 -11.77
N GLY A 256 12.22 -20.82 -11.34
CA GLY A 256 11.33 -21.45 -12.31
C GLY A 256 10.48 -20.41 -13.02
N TRP A 257 10.10 -19.36 -12.30
CA TRP A 257 9.29 -18.28 -12.90
C TRP A 257 10.07 -17.63 -14.06
N ILE A 258 11.36 -17.44 -13.83
CA ILE A 258 12.20 -16.82 -14.87
C ILE A 258 12.38 -17.80 -16.04
N THR A 259 12.66 -19.05 -15.69
CA THR A 259 12.89 -20.05 -16.73
C THR A 259 11.66 -20.24 -17.62
N ALA A 260 10.50 -20.30 -16.99
CA ALA A 260 9.29 -20.49 -17.75
C ALA A 260 8.99 -19.34 -18.68
N HIS A 261 9.22 -18.12 -18.20
CA HIS A 261 9.02 -16.98 -19.08
C HIS A 261 10.03 -17.01 -20.21
N GLY A 262 11.26 -17.37 -19.92
CA GLY A 262 12.25 -17.48 -20.97
C GLY A 262 11.76 -18.42 -22.06
N ALA A 263 11.14 -19.53 -21.66
CA ALA A 263 10.65 -20.50 -22.66
C ALA A 263 9.54 -19.88 -23.51
N ALA A 264 8.65 -19.13 -22.85
CA ALA A 264 7.59 -18.48 -23.62
C ALA A 264 8.15 -17.42 -24.59
N CYS A 265 9.17 -16.68 -24.18
CA CYS A 265 9.76 -15.66 -25.04
C CYS A 265 10.47 -16.31 -26.24
N LYS A 266 11.14 -17.42 -25.97
CA LYS A 266 11.81 -18.12 -27.06
C LYS A 266 10.77 -18.56 -28.11
N ALA A 267 9.65 -19.07 -27.62
CA ALA A 267 8.59 -19.54 -28.49
C ALA A 267 7.99 -18.42 -29.30
N ALA A 268 7.87 -17.24 -28.70
CA ALA A 268 7.33 -16.09 -29.37
C ALA A 268 8.35 -15.46 -30.28
N GLY A 269 9.62 -15.83 -30.08
CA GLY A 269 10.69 -15.23 -30.87
C GLY A 269 10.98 -13.77 -30.48
N LYS A 270 10.68 -13.43 -29.22
CA LYS A 270 10.91 -12.06 -28.69
C LYS A 270 11.62 -12.12 -27.34
N PRO A 271 12.47 -11.12 -27.02
CA PRO A 271 13.14 -11.18 -25.69
C PRO A 271 12.15 -10.93 -24.55
N CYS A 272 12.54 -11.38 -23.37
CA CYS A 272 11.79 -11.13 -22.12
C CYS A 272 12.66 -10.18 -21.32
N LEU A 273 12.03 -9.24 -20.63
CA LEU A 273 12.73 -8.34 -19.68
C LEU A 273 12.29 -8.69 -18.24
N LEU A 274 13.20 -9.12 -17.35
CA LEU A 274 12.86 -9.37 -15.91
C LEU A 274 12.92 -7.91 -15.42
N GLU A 275 11.75 -7.29 -15.39
CA GLU A 275 11.64 -5.82 -15.19
C GLU A 275 11.63 -5.31 -13.75
N GLU A 276 11.16 -6.14 -12.82
CA GLU A 276 11.22 -5.82 -11.40
C GLU A 276 11.44 -7.12 -10.60
N TYR A 277 12.24 -7.01 -9.55
CA TYR A 277 12.32 -8.12 -8.61
C TYR A 277 12.88 -7.58 -7.31
N GLY A 278 12.46 -8.19 -6.21
CA GLY A 278 13.03 -7.75 -4.96
C GLY A 278 12.48 -8.56 -3.80
N VAL A 279 13.21 -8.45 -2.69
CA VAL A 279 12.79 -9.03 -1.40
C VAL A 279 13.27 -8.01 -0.37
N THR A 280 12.70 -8.04 0.84
CA THR A 280 13.10 -7.06 1.84
C THR A 280 14.21 -7.53 2.80
N SER A 281 14.67 -8.77 2.64
CA SER A 281 15.81 -9.26 3.44
C SER A 281 16.56 -10.36 2.68
N ASN A 282 17.84 -10.54 3.00
CA ASN A 282 18.65 -11.59 2.34
C ASN A 282 18.76 -11.24 0.83
N HIS A 283 18.93 -9.96 0.55
CA HIS A 283 19.02 -9.49 -0.83
C HIS A 283 20.04 -10.21 -1.70
N CYS A 284 21.26 -10.33 -1.19
CA CYS A 284 22.30 -10.90 -2.02
C CYS A 284 22.13 -12.34 -2.41
N SER A 285 21.86 -13.17 -1.42
CA SER A 285 21.69 -14.56 -1.73
C SER A 285 20.46 -14.87 -2.60
N VAL A 286 19.33 -14.29 -2.23
CA VAL A 286 18.12 -14.55 -2.95
C VAL A 286 18.14 -13.97 -4.35
N GLU A 287 18.39 -12.67 -4.43
CA GLU A 287 18.34 -12.04 -5.73
C GLU A 287 19.53 -12.39 -6.60
N GLY A 288 20.65 -12.73 -5.97
CA GLY A 288 21.78 -13.12 -6.77
C GLY A 288 21.46 -14.37 -7.57
N ALA A 289 20.73 -15.31 -6.96
CA ALA A 289 20.35 -16.54 -7.64
C ALA A 289 19.45 -16.24 -8.83
N TRP A 290 18.54 -15.28 -8.66
CA TRP A 290 17.62 -14.93 -9.75
C TRP A 290 18.39 -14.30 -10.90
N GLN A 291 19.37 -13.48 -10.54
CA GLN A 291 20.19 -12.82 -11.56
C GLN A 291 20.95 -13.86 -12.39
N LYS A 292 21.49 -14.87 -11.70
CA LYS A 292 22.25 -15.93 -12.41
C LYS A 292 21.32 -16.64 -13.33
N THR A 293 20.13 -16.98 -12.84
CA THR A 293 19.16 -17.65 -13.71
C THR A 293 18.77 -16.78 -14.89
N ALA A 294 18.52 -15.49 -14.66
CA ALA A 294 18.12 -14.65 -15.79
C ALA A 294 19.22 -14.60 -16.86
N LEU A 295 20.47 -14.43 -16.44
CA LEU A 295 21.56 -14.35 -17.39
C LEU A 295 21.66 -15.63 -18.20
N SER A 296 21.54 -16.77 -17.55
CA SER A 296 21.69 -18.03 -18.28
C SER A 296 20.45 -18.54 -19.03
N THR A 297 19.32 -17.89 -18.87
CA THR A 297 18.11 -18.35 -19.52
C THR A 297 17.88 -17.83 -20.95
N THR A 298 17.75 -18.76 -21.89
CA THR A 298 17.52 -18.38 -23.29
C THR A 298 16.19 -17.67 -23.30
N GLY A 299 16.10 -16.51 -23.95
CA GLY A 299 14.84 -15.80 -23.99
C GLY A 299 14.81 -14.61 -23.03
N VAL A 300 15.70 -14.60 -22.02
CA VAL A 300 15.68 -13.46 -21.05
C VAL A 300 16.88 -12.61 -21.47
N GLY A 301 16.58 -11.38 -21.87
CA GLY A 301 17.63 -10.52 -22.41
C GLY A 301 18.15 -9.42 -21.51
N ALA A 302 17.49 -9.22 -20.36
CA ALA A 302 17.95 -8.18 -19.43
C ALA A 302 17.19 -8.28 -18.15
N ASP A 303 17.73 -7.66 -17.10
CA ASP A 303 17.02 -7.66 -15.81
C ASP A 303 17.22 -6.33 -15.12
N LEU A 304 16.17 -5.88 -14.44
CA LEU A 304 16.23 -4.62 -13.68
C LEU A 304 15.78 -4.89 -12.24
N PHE A 305 16.66 -4.73 -11.25
CA PHE A 305 16.20 -4.96 -9.88
C PHE A 305 15.33 -3.78 -9.43
N TRP A 306 14.40 -4.08 -8.54
CA TRP A 306 13.62 -3.03 -7.90
C TRP A 306 14.21 -2.93 -6.50
N GLN A 307 14.86 -1.83 -6.11
CA GLN A 307 15.03 -0.61 -6.89
C GLN A 307 16.35 0.04 -6.52
N TYR A 308 16.77 1.00 -7.34
CA TYR A 308 18.01 1.72 -7.11
C TYR A 308 17.87 2.67 -5.93
N GLY A 309 18.99 2.89 -5.22
CA GLY A 309 18.99 3.86 -4.13
C GLY A 309 20.25 4.70 -4.21
N ASP A 310 20.22 5.94 -3.73
CA ASP A 310 21.43 6.77 -3.73
C ASP A 310 21.26 7.78 -2.61
N ASP A 311 22.31 8.56 -2.35
CA ASP A 311 22.32 9.55 -1.27
C ASP A 311 22.21 10.86 -1.97
N LEU A 312 21.01 11.43 -1.90
CA LEU A 312 20.74 12.68 -2.60
C LEU A 312 20.97 13.92 -1.72
N SER A 313 20.78 15.11 -2.32
CA SER A 313 20.96 16.37 -1.60
C SER A 313 20.03 16.36 -0.41
N THR A 314 18.89 15.70 -0.54
CA THR A 314 17.87 15.66 0.49
C THR A 314 17.92 14.45 1.47
N GLY A 315 18.93 13.60 1.30
CA GLY A 315 19.06 12.43 2.14
C GLY A 315 18.91 11.22 1.24
N LYS A 316 18.94 10.06 1.84
CA LYS A 316 18.79 8.85 1.04
C LYS A 316 17.46 8.85 0.27
N SER A 317 17.53 8.28 -0.92
CA SER A 317 16.36 8.14 -1.79
C SER A 317 15.41 7.14 -1.11
N PRO A 318 14.20 6.96 -1.64
CA PRO A 318 13.25 6.05 -0.99
C PRO A 318 13.69 4.64 -0.63
N ASP A 319 13.38 4.22 0.60
CA ASP A 319 13.69 2.89 1.02
C ASP A 319 12.40 2.13 1.38
N ASP A 320 11.96 1.25 0.48
CA ASP A 320 10.80 0.43 0.73
C ASP A 320 11.21 -0.96 1.18
N GLY A 321 12.48 -1.09 1.59
CA GLY A 321 13.01 -2.38 2.01
C GLY A 321 13.65 -3.19 0.87
N ASN A 322 13.30 -2.85 -0.37
CA ASN A 322 13.84 -3.52 -1.55
C ASN A 322 15.04 -2.72 -2.08
N THR A 323 15.12 -1.47 -1.68
CA THR A 323 16.17 -0.61 -2.20
C THR A 323 17.60 -1.09 -1.97
N ILE A 324 18.40 -1.06 -3.04
CA ILE A 324 19.81 -1.43 -2.99
C ILE A 324 20.56 -0.12 -3.28
N TYR A 325 21.29 0.36 -2.28
CA TYR A 325 21.97 1.63 -2.38
C TYR A 325 23.34 1.62 -2.97
N TYR A 326 23.54 2.51 -3.91
CA TYR A 326 24.87 2.70 -4.54
C TYR A 326 25.94 2.70 -3.46
N GLY A 327 27.06 2.05 -3.78
CA GLY A 327 28.19 2.02 -2.83
C GLY A 327 28.10 1.16 -1.60
N THR A 328 27.16 0.22 -1.55
CA THR A 328 27.03 -0.64 -0.38
C THR A 328 27.40 -2.05 -0.72
N SER A 329 27.47 -2.90 0.31
CA SER A 329 27.80 -4.30 0.10
C SER A 329 26.77 -4.99 -0.81
N ASP A 330 25.47 -4.81 -0.55
CA ASP A 330 24.50 -5.46 -1.41
C ASP A 330 24.63 -4.98 -2.85
N TYR A 331 25.02 -3.73 -3.01
CA TYR A 331 25.23 -3.16 -4.35
C TYR A 331 26.42 -3.82 -5.04
N GLN A 332 27.46 -4.13 -4.29
CA GLN A 332 28.56 -4.81 -4.91
C GLN A 332 28.12 -6.22 -5.35
N CYS A 333 27.32 -6.89 -4.54
CA CYS A 333 26.88 -8.24 -4.90
C CYS A 333 25.89 -8.25 -6.09
N LEU A 334 24.93 -7.34 -6.05
CA LEU A 334 23.86 -7.33 -7.03
C LEU A 334 24.04 -6.44 -8.25
N VAL A 335 25.10 -5.63 -8.21
CA VAL A 335 25.41 -4.77 -9.36
C VAL A 335 26.87 -5.01 -9.81
N THR A 336 27.86 -4.67 -9.01
CA THR A 336 29.26 -4.83 -9.47
C THR A 336 29.53 -6.24 -9.92
N ASP A 337 29.15 -7.22 -9.10
CA ASP A 337 29.41 -8.62 -9.47
C ASP A 337 28.58 -9.09 -10.66
N HIS A 338 27.32 -8.65 -10.76
CA HIS A 338 26.45 -9.06 -11.82
C HIS A 338 26.92 -8.50 -13.15
N VAL A 339 27.23 -7.19 -13.18
CA VAL A 339 27.71 -6.58 -14.39
C VAL A 339 29.00 -7.25 -14.86
N ALA A 340 29.89 -7.54 -13.92
CA ALA A 340 31.16 -8.23 -14.25
C ALA A 340 30.86 -9.60 -14.85
N ALA A 341 29.90 -10.32 -14.24
CA ALA A 341 29.50 -11.65 -14.74
C ALA A 341 28.93 -11.61 -16.14
N ILE A 342 28.11 -10.61 -16.43
CA ILE A 342 27.52 -10.47 -17.73
C ILE A 342 28.63 -10.22 -18.73
N GLY A 343 29.60 -9.42 -18.34
CA GLY A 343 30.66 -9.10 -19.30
C GLY A 343 31.58 -10.26 -19.57
N SER A 344 31.55 -11.24 -18.67
CA SER A 344 32.41 -12.41 -18.73
C SER A 344 31.66 -13.59 -19.30
N ALA A 345 30.53 -13.32 -19.95
CA ALA A 345 29.67 -14.34 -20.55
C ALA A 345 30.38 -15.17 -21.62
N SER B 1 11.56 -2.43 8.06
CA SER B 1 11.33 -1.87 9.40
C SER B 1 9.81 -1.70 9.64
N PHE B 2 9.51 -1.15 10.79
CA PHE B 2 8.13 -0.96 11.16
C PHE B 2 7.64 0.45 10.91
N ALA B 3 6.33 0.54 10.76
CA ALA B 3 5.70 1.83 10.56
C ALA B 3 6.04 2.71 11.75
N SER B 4 6.07 4.03 11.53
CA SER B 4 6.51 4.94 12.59
C SER B 4 5.94 6.32 12.38
N THR B 5 6.29 7.22 13.29
CA THR B 5 5.87 8.60 13.18
C THR B 5 7.12 9.43 12.85
N SER B 6 6.88 10.51 12.13
CA SER B 6 7.89 11.49 11.77
C SER B 6 7.20 12.79 12.05
N GLY B 7 7.43 13.36 13.23
CA GLY B 7 6.70 14.58 13.55
C GLY B 7 5.19 14.26 13.71
N LEU B 8 4.38 15.03 13.01
CA LEU B 8 2.93 14.88 13.06
C LEU B 8 2.45 13.95 11.97
N GLN B 9 3.36 13.28 11.25
CA GLN B 9 2.92 12.39 10.19
C GLN B 9 3.30 10.97 10.48
N PHE B 10 2.74 10.08 9.67
CA PHE B 10 3.15 8.66 9.77
C PHE B 10 4.06 8.31 8.59
N THR B 11 4.86 7.28 8.80
CA THR B 11 5.76 6.75 7.78
C THR B 11 5.46 5.30 7.60
N ILE B 12 5.20 4.88 6.35
CA ILE B 12 4.89 3.49 6.03
C ILE B 12 5.78 3.09 4.83
N ASP B 13 6.50 1.98 4.99
CA ASP B 13 7.37 1.42 3.93
C ASP B 13 8.30 2.52 3.41
N GLY B 14 8.78 3.36 4.31
CA GLY B 14 9.73 4.40 3.94
C GLY B 14 9.11 5.69 3.44
N GLU B 15 7.79 5.69 3.28
CA GLU B 15 7.08 6.86 2.77
C GLU B 15 6.39 7.62 3.90
N THR B 16 6.69 8.90 4.00
CA THR B 16 6.11 9.79 5.01
C THR B 16 5.02 10.64 4.34
N GLY B 17 3.76 10.58 4.85
CA GLY B 17 2.70 11.34 4.21
C GLY B 17 1.37 10.93 4.82
N TYR B 18 0.29 11.47 4.30
CA TYR B 18 -1.05 11.19 4.84
C TYR B 18 -1.54 9.87 4.29
N PHE B 19 -2.21 9.09 5.13
CA PHE B 19 -2.70 7.81 4.66
C PHE B 19 -4.19 7.61 4.92
N ALA B 20 -4.85 6.94 3.98
CA ALA B 20 -6.25 6.60 4.19
C ALA B 20 -6.38 5.12 4.50
N GLY B 21 -7.35 4.72 5.33
CA GLY B 21 -7.48 3.29 5.57
C GLY B 21 -8.91 3.04 6.04
N THR B 22 -9.14 1.88 6.65
CA THR B 22 -10.50 1.59 7.06
C THR B 22 -10.50 0.57 8.20
N ASN B 23 -11.72 0.19 8.57
CA ASN B 23 -11.89 -0.80 9.63
C ASN B 23 -12.57 -2.05 9.07
N SER B 24 -12.15 -3.20 9.58
CA SER B 24 -12.82 -4.50 9.30
C SER B 24 -12.72 -5.40 10.52
N TYR B 25 -13.63 -5.21 11.50
CA TYR B 25 -13.51 -6.00 12.74
C TYR B 25 -13.68 -7.45 12.56
N TRP B 26 -14.41 -7.83 11.49
CA TRP B 26 -14.75 -9.23 11.26
C TRP B 26 -13.78 -10.08 10.48
N ILE B 27 -12.73 -9.46 9.92
CA ILE B 27 -11.83 -10.21 9.06
C ILE B 27 -11.05 -11.32 9.76
N GLY B 28 -10.70 -11.08 11.03
CA GLY B 28 -10.01 -12.10 11.81
C GLY B 28 -10.92 -13.24 12.26
N PHE B 29 -12.24 -13.14 12.01
CA PHE B 29 -13.14 -14.21 12.44
C PHE B 29 -13.67 -14.97 11.24
N LEU B 30 -13.25 -14.59 10.06
CA LEU B 30 -13.65 -15.36 8.87
C LEU B 30 -12.89 -16.68 8.92
N THR B 31 -13.42 -17.71 8.25
CA THR B 31 -12.71 -18.98 8.20
C THR B 31 -12.32 -19.34 6.76
N ASP B 32 -12.63 -18.44 5.82
CA ASP B 32 -12.32 -18.69 4.40
C ASP B 32 -11.16 -17.79 3.94
N ASN B 33 -10.01 -18.41 3.64
CA ASN B 33 -8.81 -17.72 3.23
C ASN B 33 -8.97 -16.85 2.01
N ALA B 34 -9.77 -17.32 1.04
CA ALA B 34 -9.93 -16.50 -0.14
C ALA B 34 -10.68 -15.20 0.13
N ASP B 35 -11.63 -15.23 1.07
CA ASP B 35 -12.34 -14.00 1.40
C ASP B 35 -11.40 -13.01 2.05
N VAL B 36 -10.45 -13.47 2.86
CA VAL B 36 -9.47 -12.52 3.46
C VAL B 36 -8.62 -11.93 2.34
N ASP B 37 -8.15 -12.79 1.46
CA ASP B 37 -7.33 -12.29 0.34
C ASP B 37 -8.12 -11.37 -0.59
N LEU B 38 -9.42 -11.63 -0.80
CA LEU B 38 -10.24 -10.76 -1.66
C LEU B 38 -10.26 -9.36 -1.05
N VAL B 39 -10.53 -9.30 0.25
CA VAL B 39 -10.56 -8.03 0.92
C VAL B 39 -9.19 -7.35 0.82
N MET B 40 -8.12 -8.08 1.13
CA MET B 40 -6.81 -7.45 1.10
C MET B 40 -6.44 -6.96 -0.29
N GLY B 41 -6.78 -7.73 -1.31
CA GLY B 41 -6.47 -7.26 -2.68
C GLY B 41 -7.27 -6.03 -3.03
N HIS B 42 -8.52 -5.95 -2.58
CA HIS B 42 -9.32 -4.76 -2.86
C HIS B 42 -8.80 -3.58 -2.10
N LEU B 43 -8.33 -3.78 -0.85
CA LEU B 43 -7.80 -2.64 -0.15
C LEU B 43 -6.56 -2.10 -0.87
N LYS B 44 -5.73 -3.01 -1.31
CA LYS B 44 -4.50 -2.59 -1.98
C LYS B 44 -4.76 -1.82 -3.30
N SER B 45 -5.70 -2.31 -4.12
CA SER B 45 -5.96 -1.60 -5.38
C SER B 45 -6.71 -0.33 -5.13
N SER B 46 -7.28 -0.18 -3.92
CA SER B 46 -7.98 1.05 -3.56
C SER B 46 -7.02 2.06 -2.95
N GLY B 47 -5.82 1.63 -2.58
CA GLY B 47 -4.90 2.59 -1.98
C GLY B 47 -5.13 2.78 -0.49
N LEU B 48 -5.90 1.89 0.12
CA LEU B 48 -6.17 1.99 1.57
C LEU B 48 -5.00 1.26 2.20
N LYS B 49 -4.18 1.95 2.96
CA LYS B 49 -2.95 1.33 3.45
C LYS B 49 -2.94 0.84 4.89
N ILE B 50 -3.99 1.22 5.62
CA ILE B 50 -4.07 0.84 7.05
C ILE B 50 -5.41 0.17 7.25
N LEU B 51 -5.42 -0.99 7.91
CA LEU B 51 -6.70 -1.67 8.17
C LEU B 51 -6.71 -1.98 9.68
N ARG B 52 -7.80 -1.53 10.34
CA ARG B 52 -7.91 -1.76 11.80
C ARG B 52 -8.81 -2.99 11.95
N VAL B 53 -8.35 -3.96 12.75
CA VAL B 53 -9.07 -5.22 12.93
C VAL B 53 -9.16 -5.53 14.41
N TRP B 54 -10.13 -6.38 14.79
CA TRP B 54 -10.18 -6.82 16.16
C TRP B 54 -9.17 -7.92 16.37
N GLY B 55 -8.32 -7.71 17.40
CA GLY B 55 -7.33 -8.70 17.79
C GLY B 55 -7.74 -9.50 19.02
N PHE B 56 -9.04 -9.48 19.28
CA PHE B 56 -9.61 -10.16 20.45
C PHE B 56 -10.87 -10.93 20.04
N ASN B 57 -11.22 -11.96 20.82
CA ASN B 57 -12.50 -12.62 20.59
C ASN B 57 -12.58 -13.50 21.84
N ASP B 58 -13.18 -12.90 22.87
CA ASP B 58 -13.27 -13.49 24.21
C ASP B 58 -14.62 -14.17 24.48
N VAL B 59 -14.54 -15.45 24.92
CA VAL B 59 -15.74 -16.22 25.25
C VAL B 59 -15.64 -16.78 26.67
N THR B 60 -16.81 -17.19 27.18
CA THR B 60 -16.84 -17.81 28.51
C THR B 60 -17.11 -19.30 28.46
N SER B 61 -17.29 -19.82 27.23
CA SER B 61 -17.44 -21.29 26.97
C SER B 61 -17.08 -21.48 25.48
N GLN B 62 -16.64 -22.67 25.06
CA GLN B 62 -16.29 -22.82 23.64
C GLN B 62 -17.51 -22.72 22.76
N PRO B 63 -17.45 -21.94 21.68
CA PRO B 63 -18.60 -21.80 20.77
C PRO B 63 -18.84 -23.07 19.97
N SER B 64 -19.90 -23.02 19.14
CA SER B 64 -20.22 -24.16 18.27
C SER B 64 -19.09 -24.34 17.24
N SER B 65 -18.96 -25.58 16.79
CA SER B 65 -17.88 -25.95 15.91
C SER B 65 -17.65 -25.03 14.75
N GLY B 66 -16.39 -24.66 14.58
CA GLY B 66 -16.06 -23.80 13.48
C GLY B 66 -16.08 -22.31 13.78
N THR B 67 -16.91 -21.84 14.72
CA THR B 67 -16.96 -20.41 15.06
C THR B 67 -15.62 -20.05 15.69
N VAL B 68 -15.05 -18.93 15.27
CA VAL B 68 -13.75 -18.53 15.77
C VAL B 68 -13.82 -17.97 17.19
N TRP B 69 -12.79 -18.29 17.97
CA TRP B 69 -12.67 -17.72 19.30
C TRP B 69 -11.19 -17.65 19.60
N TYR B 70 -10.78 -16.60 20.29
CA TYR B 70 -9.36 -16.43 20.59
C TYR B 70 -8.98 -16.75 22.02
N GLN B 71 -9.90 -16.44 22.96
CA GLN B 71 -9.54 -16.65 24.34
C GLN B 71 -10.79 -17.04 25.14
N LEU B 72 -10.63 -18.08 25.99
CA LEU B 72 -11.70 -18.60 26.87
C LEU B 72 -11.41 -18.20 28.32
N HIS B 73 -12.43 -17.72 29.02
CA HIS B 73 -12.29 -17.30 30.43
C HIS B 73 -13.30 -18.15 31.20
N GLN B 74 -12.78 -19.12 31.96
CA GLN B 74 -13.66 -20.10 32.62
C GLN B 74 -12.92 -20.72 33.76
N ASP B 75 -13.68 -21.10 34.79
CA ASP B 75 -13.09 -21.71 35.97
C ASP B 75 -11.90 -20.93 36.51
N GLY B 76 -11.98 -19.60 36.46
CA GLY B 76 -10.92 -18.73 36.99
C GLY B 76 -9.62 -18.65 36.24
N LYS B 77 -9.64 -19.17 35.00
CA LYS B 77 -8.45 -19.24 34.18
C LYS B 77 -8.74 -18.76 32.76
N SER B 78 -7.69 -18.28 32.10
CA SER B 78 -7.86 -17.84 30.71
C SER B 78 -7.00 -18.71 29.83
N THR B 79 -7.63 -19.28 28.82
CA THR B 79 -7.01 -20.21 27.86
C THR B 79 -7.01 -19.58 26.49
N ILE B 80 -5.86 -19.58 25.81
CA ILE B 80 -5.77 -18.96 24.49
C ILE B 80 -5.84 -20.01 23.38
N ASN B 81 -6.75 -19.81 22.44
CA ASN B 81 -6.93 -20.75 21.31
C ASN B 81 -5.91 -20.49 20.21
N THR B 82 -4.95 -21.40 20.03
CA THR B 82 -3.93 -21.22 18.97
C THR B 82 -4.27 -22.18 17.83
N GLY B 83 -5.47 -22.75 17.87
CA GLY B 83 -5.91 -23.70 16.85
C GLY B 83 -6.41 -23.08 15.55
N ALA B 84 -6.86 -23.93 14.63
CA ALA B 84 -7.30 -23.45 13.34
C ALA B 84 -8.50 -22.53 13.41
N ASP B 85 -9.31 -22.66 14.45
CA ASP B 85 -10.47 -21.82 14.66
C ASP B 85 -10.13 -20.77 15.76
N GLY B 86 -8.85 -20.51 15.95
CA GLY B 86 -8.39 -19.51 16.93
C GLY B 86 -7.44 -18.49 16.31
N LEU B 87 -6.30 -18.26 16.94
CA LEU B 87 -5.37 -17.25 16.43
C LEU B 87 -4.81 -17.55 15.04
N GLN B 88 -4.96 -18.77 14.54
CA GLN B 88 -4.50 -19.05 13.17
C GLN B 88 -5.31 -18.21 12.21
N ARG B 89 -6.51 -17.80 12.60
CA ARG B 89 -7.29 -16.94 11.71
C ARG B 89 -6.68 -15.54 11.72
N LEU B 90 -6.17 -15.07 12.87
CA LEU B 90 -5.53 -13.76 12.82
C LEU B 90 -4.17 -13.90 12.09
N ASP B 91 -3.52 -15.06 12.21
CA ASP B 91 -2.26 -15.30 11.52
C ASP B 91 -2.51 -15.08 10.01
N TYR B 92 -3.62 -15.59 9.49
CA TYR B 92 -3.86 -15.48 8.02
C TYR B 92 -4.05 -14.02 7.62
N VAL B 93 -4.73 -13.25 8.47
CA VAL B 93 -4.93 -11.86 8.20
C VAL B 93 -3.56 -11.14 8.17
N VAL B 94 -2.70 -11.43 9.14
CA VAL B 94 -1.38 -10.82 9.19
C VAL B 94 -0.55 -11.20 7.96
N SER B 95 -0.57 -12.48 7.63
CA SER B 95 0.20 -12.96 6.48
C SER B 95 -0.36 -12.31 5.18
N SER B 96 -1.67 -12.23 5.06
CA SER B 96 -2.25 -11.65 3.86
C SER B 96 -1.95 -10.18 3.78
N ALA B 97 -1.95 -9.51 4.92
CA ALA B 97 -1.63 -8.08 4.90
C ALA B 97 -0.16 -7.93 4.43
N GLU B 98 0.72 -8.79 4.94
CA GLU B 98 2.14 -8.76 4.48
C GLU B 98 2.20 -8.88 2.95
N GLN B 99 1.50 -9.87 2.44
CA GLN B 99 1.48 -10.14 0.99
C GLN B 99 0.95 -8.96 0.18
N HIS B 100 -0.10 -8.30 0.69
CA HIS B 100 -0.73 -7.20 -0.03
C HIS B 100 -0.28 -5.80 0.37
N ASP B 101 0.77 -5.73 1.18
CA ASP B 101 1.33 -4.48 1.58
C ASP B 101 0.32 -3.59 2.29
N ILE B 102 -0.42 -4.19 3.22
CA ILE B 102 -1.40 -3.46 4.06
C ILE B 102 -0.83 -3.48 5.51
N LYS B 103 -1.01 -2.40 6.28
CA LYS B 103 -0.51 -2.36 7.69
C LYS B 103 -1.73 -2.48 8.59
N LEU B 104 -1.60 -3.24 9.66
CA LEU B 104 -2.79 -3.51 10.53
C LEU B 104 -2.70 -2.86 11.90
N ILE B 105 -3.84 -2.37 12.36
CA ILE B 105 -3.97 -1.92 13.78
C ILE B 105 -4.68 -3.07 14.43
N ILE B 106 -4.04 -3.66 15.42
CA ILE B 106 -4.57 -4.84 16.14
C ILE B 106 -4.76 -4.45 17.61
N ASN B 107 -6.01 -4.54 18.06
CA ASN B 107 -6.34 -4.24 19.46
C ASN B 107 -6.60 -5.53 20.29
N PHE B 108 -6.48 -5.37 21.61
CA PHE B 108 -6.43 -6.55 22.49
C PHE B 108 -7.66 -6.91 23.29
N VAL B 109 -8.60 -5.97 23.40
CA VAL B 109 -9.86 -6.26 24.14
C VAL B 109 -10.90 -5.25 23.71
N ASN B 110 -12.17 -5.63 23.82
CA ASN B 110 -13.23 -4.66 23.52
C ASN B 110 -13.71 -4.04 24.84
N TYR B 111 -13.98 -2.74 24.86
CA TYR B 111 -14.65 -2.18 26.03
C TYR B 111 -16.11 -2.71 25.96
N TRP B 112 -16.70 -2.79 24.78
CA TRP B 112 -18.09 -3.26 24.62
C TRP B 112 -18.21 -4.80 24.74
N THR B 113 -19.46 -5.28 24.89
CA THR B 113 -19.65 -6.70 25.06
C THR B 113 -19.53 -7.51 23.82
N ASP B 114 -19.47 -6.88 22.64
CA ASP B 114 -19.33 -7.66 21.40
C ASP B 114 -17.98 -8.39 21.41
N TYR B 115 -18.04 -9.68 21.12
CA TYR B 115 -16.87 -10.56 21.16
C TYR B 115 -16.28 -10.59 22.57
N GLY B 116 -17.20 -10.59 23.55
CA GLY B 116 -16.79 -10.75 24.95
C GLY B 116 -16.48 -9.49 25.70
N GLY B 117 -15.38 -8.88 25.30
CA GLY B 117 -14.98 -7.63 25.92
C GLY B 117 -14.53 -7.75 27.36
N MET B 118 -14.29 -6.60 27.99
CA MET B 118 -13.90 -6.57 29.39
C MET B 118 -14.97 -7.30 30.23
N SER B 119 -16.23 -7.24 29.80
CA SER B 119 -17.30 -7.94 30.55
C SER B 119 -17.09 -9.43 30.61
N ALA B 120 -16.49 -10.04 29.61
CA ALA B 120 -16.25 -11.49 29.63
C ALA B 120 -15.20 -11.78 30.72
N TYR B 121 -14.19 -10.94 30.81
CA TYR B 121 -13.20 -11.08 31.88
C TYR B 121 -13.90 -10.93 33.25
N VAL B 122 -14.79 -9.94 33.37
CA VAL B 122 -15.47 -9.69 34.67
C VAL B 122 -16.34 -10.87 35.03
N SER B 123 -16.98 -11.44 34.03
CA SER B 123 -17.81 -12.61 34.30
C SER B 123 -16.99 -13.73 34.90
N ALA B 124 -15.78 -13.94 34.39
CA ALA B 124 -14.97 -15.06 34.88
C ALA B 124 -14.20 -14.78 36.14
N TYR B 125 -13.83 -13.52 36.32
CA TYR B 125 -12.94 -13.15 37.41
C TYR B 125 -13.57 -12.42 38.58
N GLY B 126 -14.78 -11.92 38.39
CA GLY B 126 -15.45 -11.22 39.49
C GLY B 126 -15.39 -9.73 39.36
N GLY B 127 -16.38 -9.06 39.94
CA GLY B 127 -16.48 -7.61 39.89
C GLY B 127 -17.81 -7.25 39.28
N SER B 128 -18.01 -5.98 38.96
CA SER B 128 -19.25 -5.64 38.35
C SER B 128 -18.89 -4.51 37.38
N GLY B 129 -19.23 -4.76 36.16
CA GLY B 129 -19.06 -3.76 35.12
C GLY B 129 -17.67 -3.67 34.53
N GLU B 130 -17.61 -3.16 33.32
CA GLU B 130 -16.32 -3.02 32.70
C GLU B 130 -15.28 -2.28 33.53
N THR B 131 -15.69 -1.29 34.31
CA THR B 131 -14.67 -0.52 35.03
C THR B 131 -13.80 -1.34 35.97
N ASP B 132 -14.31 -2.46 36.48
CA ASP B 132 -13.46 -3.24 37.38
C ASP B 132 -12.26 -3.90 36.67
N PHE B 133 -12.38 -4.05 35.36
CA PHE B 133 -11.31 -4.68 34.59
C PHE B 133 -9.98 -3.95 34.77
N TYR B 134 -10.02 -2.61 34.72
CA TYR B 134 -8.72 -1.91 34.69
C TYR B 134 -7.82 -2.07 35.89
N THR B 135 -8.44 -2.24 37.05
CA THR B 135 -7.67 -2.30 38.27
C THR B 135 -7.69 -3.64 38.95
N SER B 136 -8.19 -4.66 38.27
CA SER B 136 -8.20 -6.02 38.79
C SER B 136 -6.86 -6.65 38.48
N ASP B 137 -6.14 -7.10 39.50
CA ASP B 137 -4.89 -7.73 39.23
C ASP B 137 -5.05 -9.04 38.47
N THR B 138 -6.05 -9.82 38.77
CA THR B 138 -6.22 -11.08 38.08
C THR B 138 -6.65 -10.83 36.63
N MET B 139 -7.50 -9.85 36.40
CA MET B 139 -7.88 -9.61 34.99
C MET B 139 -6.72 -9.01 34.22
N GLN B 140 -5.95 -8.11 34.85
CA GLN B 140 -4.82 -7.51 34.10
C GLN B 140 -3.76 -8.53 33.83
N SER B 141 -3.57 -9.50 34.73
CA SER B 141 -2.58 -10.51 34.47
C SER B 141 -3.01 -11.37 33.28
N ALA B 142 -4.28 -11.74 33.20
CA ALA B 142 -4.79 -12.54 32.08
C ALA B 142 -4.69 -11.70 30.79
N TYR B 143 -5.07 -10.44 30.85
CA TYR B 143 -5.00 -9.56 29.68
C TYR B 143 -3.55 -9.43 29.20
N GLN B 144 -2.63 -9.16 30.14
CA GLN B 144 -1.22 -9.06 29.74
C GLN B 144 -0.68 -10.38 29.16
N THR B 145 -1.09 -11.53 29.66
CA THR B 145 -0.61 -12.77 29.06
C THR B 145 -1.17 -12.89 27.63
N TYR B 146 -2.39 -12.40 27.44
CA TYR B 146 -2.95 -12.46 26.10
C TYR B 146 -2.16 -11.53 25.15
N ILE B 147 -1.89 -10.32 25.63
CA ILE B 147 -1.09 -9.35 24.86
C ILE B 147 0.25 -9.97 24.51
N LYS B 148 0.91 -10.59 25.49
CA LYS B 148 2.23 -11.17 25.24
C LYS B 148 2.17 -12.23 24.18
N THR B 149 1.14 -13.05 24.24
CA THR B 149 0.99 -14.13 23.30
C THR B 149 0.80 -13.61 21.88
N VAL B 150 -0.08 -12.65 21.73
CA VAL B 150 -0.33 -12.07 20.41
C VAL B 150 0.88 -11.30 19.87
N VAL B 151 1.44 -10.40 20.68
CA VAL B 151 2.57 -9.61 20.20
C VAL B 151 3.73 -10.51 19.75
N GLU B 152 4.07 -11.52 20.56
CA GLU B 152 5.21 -12.38 20.23
C GLU B 152 4.92 -13.24 19.00
N ARG B 153 3.65 -13.50 18.71
CA ARG B 153 3.31 -14.33 17.56
C ARG B 153 3.66 -13.61 16.24
N TYR B 154 3.66 -12.28 16.27
CA TYR B 154 3.91 -11.46 15.10
C TYR B 154 5.18 -10.62 15.18
N SER B 155 6.08 -11.00 16.08
CA SER B 155 7.33 -10.24 16.25
C SER B 155 8.16 -10.04 14.98
N ASN B 156 8.07 -10.97 14.04
CA ASN B 156 8.86 -10.84 12.80
C ASN B 156 8.12 -10.23 11.64
N SER B 157 6.87 -9.85 11.87
CA SER B 157 6.07 -9.28 10.80
C SER B 157 6.17 -7.78 10.75
N SER B 158 6.40 -7.22 9.57
CA SER B 158 6.41 -5.78 9.46
C SER B 158 4.99 -5.26 9.13
N ALA B 159 3.98 -6.13 9.12
CA ALA B 159 2.65 -5.69 8.73
C ALA B 159 1.82 -5.08 9.83
N VAL B 160 2.33 -5.08 11.05
CA VAL B 160 1.57 -4.47 12.13
C VAL B 160 1.91 -3.00 12.23
N PHE B 161 0.92 -2.16 12.02
CA PHE B 161 1.05 -0.71 12.10
C PHE B 161 1.20 -0.30 13.56
N ALA B 162 0.32 -0.83 14.43
CA ALA B 162 0.40 -0.47 15.83
C ALA B 162 -0.39 -1.45 16.65
N TRP B 163 0.09 -1.65 17.88
CA TRP B 163 -0.65 -2.43 18.88
C TRP B 163 -1.57 -1.43 19.58
N GLU B 164 -2.85 -1.79 19.78
CA GLU B 164 -3.82 -0.86 20.35
C GLU B 164 -4.38 -1.51 21.58
N LEU B 165 -4.46 -0.73 22.67
CA LEU B 165 -4.85 -1.34 23.95
C LEU B 165 -6.24 -1.93 23.93
N ALA B 166 -7.19 -1.20 23.38
CA ALA B 166 -8.57 -1.68 23.40
C ALA B 166 -9.42 -0.95 22.43
N ASN B 167 -10.62 -1.48 22.19
CA ASN B 167 -11.56 -0.72 21.38
C ASN B 167 -12.43 0.10 22.29
N GLU B 168 -12.36 1.42 22.12
CA GLU B 168 -13.19 2.40 22.87
C GLU B 168 -13.25 2.26 24.39
N PRO B 169 -12.09 2.16 25.03
CA PRO B 169 -12.14 2.08 26.48
C PRO B 169 -12.72 3.32 27.07
N ARG B 170 -13.59 3.09 28.06
CA ARG B 170 -14.17 4.22 28.83
C ARG B 170 -14.13 3.81 30.32
N CYS B 171 -14.25 4.78 31.19
CA CYS B 171 -14.39 4.53 32.64
C CYS B 171 -15.41 5.61 33.06
N PRO B 172 -16.73 5.30 32.89
CA PRO B 172 -17.75 6.30 33.20
C PRO B 172 -17.71 6.88 34.58
N SER B 173 -17.66 8.20 34.65
CA SER B 173 -17.59 8.93 35.93
C SER B 173 -16.32 8.68 36.72
N CYS B 174 -15.36 7.92 36.19
CA CYS B 174 -14.11 7.71 36.92
C CYS B 174 -13.19 8.92 36.89
N ASP B 175 -12.34 9.05 37.90
CA ASP B 175 -11.36 10.11 37.81
C ASP B 175 -10.51 9.78 36.55
N THR B 176 -10.04 10.80 35.84
CA THR B 176 -9.27 10.55 34.60
C THR B 176 -7.99 9.78 34.86
N SER B 177 -7.53 9.77 36.09
CA SER B 177 -6.32 9.03 36.41
C SER B 177 -6.40 7.51 36.31
N VAL B 178 -7.62 6.95 36.36
CA VAL B 178 -7.77 5.50 36.31
C VAL B 178 -7.33 5.03 34.92
N LEU B 179 -7.90 5.63 33.88
CA LEU B 179 -7.46 5.22 32.52
C LEU B 179 -6.03 5.67 32.24
N TYR B 180 -5.63 6.80 32.76
CA TYR B 180 -4.26 7.26 32.54
C TYR B 180 -3.29 6.23 33.09
N ASN B 181 -3.50 5.78 34.32
CA ASN B 181 -2.57 4.83 34.93
C ASN B 181 -2.59 3.49 34.20
N TRP B 182 -3.78 3.06 33.78
CA TRP B 182 -3.90 1.78 33.06
C TRP B 182 -3.23 1.87 31.67
N ILE B 183 -3.41 2.98 31.00
CA ILE B 183 -2.78 3.17 29.71
C ILE B 183 -1.24 3.20 29.86
N GLU B 184 -0.77 3.97 30.83
CA GLU B 184 0.68 4.01 31.04
C GLU B 184 1.24 2.62 31.36
N LYS B 185 0.59 1.88 32.25
CA LYS B 185 1.07 0.55 32.63
C LYS B 185 1.04 -0.41 31.41
N THR B 186 -0.08 -0.41 30.67
CA THR B 186 -0.20 -1.37 29.60
C THR B 186 0.70 -1.04 28.44
N SER B 187 0.79 0.24 28.08
CA SER B 187 1.66 0.59 26.98
C SER B 187 3.14 0.33 27.34
N LYS B 188 3.53 0.59 28.59
CA LYS B 188 4.91 0.26 28.99
C LYS B 188 5.18 -1.22 28.85
N PHE B 189 4.19 -2.03 29.22
CA PHE B 189 4.32 -3.47 29.13
C PHE B 189 4.49 -3.88 27.65
N ILE B 190 3.69 -3.30 26.75
CA ILE B 190 3.82 -3.68 25.33
C ILE B 190 5.16 -3.23 24.78
N LYS B 191 5.60 -2.02 25.11
CA LYS B 191 6.92 -1.56 24.63
C LYS B 191 8.03 -2.50 25.11
N GLY B 192 7.85 -3.07 26.27
CA GLY B 192 8.85 -3.98 26.83
C GLY B 192 8.95 -5.24 26.00
N LEU B 193 7.87 -5.58 25.31
CA LEU B 193 7.79 -6.76 24.45
C LEU B 193 8.15 -6.52 22.99
N ASP B 194 8.00 -5.27 22.53
CA ASP B 194 8.19 -4.96 21.10
C ASP B 194 8.55 -3.49 21.09
N ALA B 195 9.81 -3.21 21.32
CA ALA B 195 10.27 -1.86 21.42
C ALA B 195 10.07 -0.97 20.23
N ASP B 196 10.11 -1.53 19.03
CA ASP B 196 10.01 -0.65 17.90
C ASP B 196 8.64 -0.46 17.30
N ARG B 197 7.65 -1.12 17.86
CA ARG B 197 6.31 -1.02 17.28
C ARG B 197 5.51 0.11 17.94
N MET B 198 4.74 0.84 17.13
CA MET B 198 3.91 1.89 17.67
C MET B 198 2.81 1.31 18.58
N VAL B 199 2.42 2.09 19.57
CA VAL B 199 1.34 1.70 20.49
C VAL B 199 0.35 2.87 20.58
N CYS B 200 -0.96 2.56 20.56
CA CYS B 200 -2.00 3.60 20.67
C CYS B 200 -3.10 3.03 21.60
N ILE B 201 -3.99 3.94 21.93
CA ILE B 201 -5.02 3.63 22.95
C ILE B 201 -6.26 3.00 22.40
N GLY B 202 -6.85 3.61 21.39
CA GLY B 202 -8.04 3.05 20.82
C GLY B 202 -9.30 3.73 21.33
N ASP B 203 -9.15 4.81 22.11
CA ASP B 203 -10.31 5.50 22.62
C ASP B 203 -10.95 6.46 21.60
N GLU B 204 -12.14 6.96 21.98
CA GLU B 204 -12.94 7.83 21.13
C GLU B 204 -12.45 9.27 21.02
N GLY B 205 -11.47 9.64 21.85
CA GLY B 205 -10.97 11.01 21.77
C GLY B 205 -11.57 11.98 22.78
N PHE B 206 -12.44 11.45 23.64
CA PHE B 206 -13.13 12.30 24.64
C PHE B 206 -12.23 13.00 25.67
N GLY B 207 -12.71 14.13 26.16
CA GLY B 207 -12.00 14.87 27.21
C GLY B 207 -10.97 15.77 26.60
N LEU B 208 -11.42 16.87 26.03
CA LEU B 208 -10.52 17.77 25.30
C LEU B 208 -10.76 19.22 25.70
N ASN B 209 -9.73 19.85 26.28
CA ASN B 209 -9.83 21.24 26.72
C ASN B 209 -9.40 22.25 25.65
N ILE B 210 -9.19 21.81 24.42
CA ILE B 210 -8.83 22.76 23.38
C ILE B 210 -10.05 23.03 22.51
N ASP B 211 -10.41 24.31 22.40
CA ASP B 211 -11.56 24.71 21.59
C ASP B 211 -12.86 23.97 21.88
N SER B 212 -13.06 23.66 23.14
CA SER B 212 -14.26 22.96 23.55
C SER B 212 -15.52 23.80 23.43
N ASP B 213 -16.62 23.20 23.00
CA ASP B 213 -17.88 23.91 22.94
C ASP B 213 -18.73 23.49 24.15
N GLY B 214 -18.13 22.79 25.10
CA GLY B 214 -18.84 22.33 26.28
C GLY B 214 -19.76 21.13 26.09
N SER B 215 -19.77 20.53 24.89
CA SER B 215 -20.62 19.38 24.63
C SER B 215 -19.99 18.12 25.28
N TYR B 216 -20.83 17.09 25.43
CA TYR B 216 -20.47 15.81 26.04
C TYR B 216 -19.10 15.24 25.62
N PRO B 217 -18.87 15.12 24.31
CA PRO B 217 -17.57 14.56 23.86
C PRO B 217 -16.33 15.29 24.33
N TYR B 218 -16.43 16.61 24.45
CA TYR B 218 -15.29 17.38 24.90
C TYR B 218 -15.12 17.32 26.42
N GLN B 219 -16.20 17.06 27.15
CA GLN B 219 -16.07 16.98 28.60
C GLN B 219 -15.45 15.65 29.08
N PHE B 220 -15.30 15.51 30.39
CA PHE B 220 -14.60 14.36 30.95
C PHE B 220 -15.47 13.32 31.68
N SER B 221 -16.71 13.12 31.22
CA SER B 221 -17.62 12.21 31.88
C SER B 221 -17.33 10.73 31.65
N GLU B 222 -16.47 10.43 30.67
CA GLU B 222 -16.15 9.03 30.35
C GLU B 222 -14.76 8.58 30.84
N GLY B 223 -14.15 9.35 31.74
CA GLY B 223 -12.89 8.96 32.34
C GLY B 223 -11.63 9.16 31.50
N LEU B 224 -11.83 9.74 30.32
CA LEU B 224 -10.75 10.00 29.37
C LEU B 224 -10.30 11.44 29.32
N ASN B 225 -8.99 11.65 29.24
CA ASN B 225 -8.43 12.97 29.05
C ASN B 225 -7.49 12.84 27.87
N PHE B 226 -7.90 13.35 26.72
CA PHE B 226 -7.12 13.18 25.50
C PHE B 226 -5.70 13.74 25.55
N THR B 227 -5.59 14.99 26.01
CA THR B 227 -4.26 15.59 26.03
C THR B 227 -3.38 14.97 27.11
N MET B 228 -3.96 14.64 28.25
CA MET B 228 -3.17 14.03 29.33
C MET B 228 -2.64 12.67 28.89
N ASN B 229 -3.52 11.86 28.28
CA ASN B 229 -3.09 10.53 27.89
C ASN B 229 -2.09 10.54 26.73
N LEU B 230 -2.24 11.47 25.83
CA LEU B 230 -1.35 11.51 24.67
C LEU B 230 0.06 11.86 25.07
N ASP B 231 0.20 12.49 26.23
CA ASP B 231 1.54 12.83 26.68
C ASP B 231 2.28 11.63 27.24
N ILE B 232 1.59 10.49 27.43
CA ILE B 232 2.30 9.29 27.92
C ILE B 232 3.42 8.91 26.95
N ASP B 233 4.63 8.70 27.51
CA ASP B 233 5.79 8.51 26.64
C ASP B 233 5.68 7.30 25.71
N THR B 234 5.01 6.27 26.21
CA THR B 234 4.85 4.99 25.53
C THR B 234 3.60 4.89 24.62
N ILE B 235 2.99 6.04 24.33
CA ILE B 235 1.86 6.15 23.37
C ILE B 235 2.42 7.00 22.23
N ASP B 236 2.34 6.48 21.03
CA ASP B 236 2.94 7.17 19.87
C ASP B 236 2.05 8.11 19.08
N PHE B 237 0.71 7.92 19.19
CA PHE B 237 -0.20 8.79 18.44
C PHE B 237 -1.55 8.72 19.10
N GLY B 238 -2.38 9.71 18.85
CA GLY B 238 -3.70 9.70 19.49
C GLY B 238 -4.75 9.14 18.57
N THR B 239 -5.83 8.70 19.18
CA THR B 239 -6.96 8.16 18.37
C THR B 239 -8.22 8.95 18.72
N LEU B 240 -9.03 9.20 17.70
CA LEU B 240 -10.35 9.82 17.95
C LEU B 240 -11.35 9.11 17.03
N HIS B 241 -12.56 8.90 17.57
CA HIS B 241 -13.64 8.35 16.75
C HIS B 241 -14.65 9.49 16.52
N LEU B 242 -15.66 9.29 15.68
CA LEU B 242 -16.56 10.39 15.35
C LEU B 242 -17.92 9.88 14.92
N TYR B 243 -18.91 10.01 15.84
CA TYR B 243 -20.30 9.55 15.60
C TYR B 243 -21.28 10.57 16.13
N PRO B 244 -21.49 11.68 15.41
CA PRO B 244 -22.42 12.72 15.87
C PRO B 244 -23.82 12.19 16.22
N ASP B 245 -24.31 11.22 15.46
CA ASP B 245 -25.65 10.68 15.77
C ASP B 245 -25.71 9.92 17.05
N SER B 246 -24.56 9.41 17.53
CA SER B 246 -24.60 8.67 18.80
C SER B 246 -24.33 9.62 19.93
N TRP B 247 -23.78 10.79 19.63
CA TRP B 247 -23.42 11.71 20.68
C TRP B 247 -24.26 12.97 20.79
N GLY B 248 -25.34 13.03 20.02
CA GLY B 248 -26.24 14.16 20.03
C GLY B 248 -25.68 15.43 19.47
N THR B 249 -24.75 15.33 18.53
CA THR B 249 -24.19 16.56 17.95
C THR B 249 -24.51 16.60 16.48
N SER B 250 -24.25 17.75 15.85
CA SER B 250 -24.56 17.89 14.43
C SER B 250 -23.49 17.25 13.56
N ASP B 251 -23.80 17.10 12.28
CA ASP B 251 -22.81 16.56 11.35
C ASP B 251 -21.66 17.54 11.21
N ASP B 252 -21.94 18.82 11.06
CA ASP B 252 -20.87 19.78 10.92
C ASP B 252 -19.96 19.85 12.14
N TRP B 253 -20.49 19.60 13.34
CA TRP B 253 -19.72 19.59 14.60
C TRP B 253 -18.50 18.65 14.43
N GLY B 254 -18.64 17.65 13.56
CA GLY B 254 -17.57 16.69 13.33
C GLY B 254 -16.31 17.38 12.80
N ASN B 255 -16.46 18.42 12.00
CA ASN B 255 -15.26 19.08 11.51
C ASN B 255 -14.52 19.75 12.66
N GLY B 256 -15.25 20.40 13.57
CA GLY B 256 -14.57 21.04 14.70
C GLY B 256 -13.88 20.03 15.62
N TRP B 257 -14.51 18.87 15.75
CA TRP B 257 -13.97 17.76 16.55
C TRP B 257 -12.60 17.35 16.00
N ILE B 258 -12.52 17.20 14.68
CA ILE B 258 -11.27 16.82 14.00
C ILE B 258 -10.25 17.95 14.18
N THR B 259 -10.65 19.18 13.88
CA THR B 259 -9.76 20.33 14.00
C THR B 259 -9.14 20.50 15.38
N ALA B 260 -9.99 20.42 16.42
CA ALA B 260 -9.56 20.56 17.80
C ALA B 260 -8.62 19.41 18.21
N HIS B 261 -8.86 18.19 17.70
CA HIS B 261 -7.92 17.15 18.04
C HIS B 261 -6.57 17.36 17.33
N GLY B 262 -6.62 17.85 16.12
CA GLY B 262 -5.39 18.11 15.39
C GLY B 262 -4.52 19.08 16.16
N ALA B 263 -5.18 20.12 16.71
CA ALA B 263 -4.46 21.11 17.50
C ALA B 263 -3.83 20.43 18.71
N ALA B 264 -4.57 19.52 19.36
CA ALA B 264 -4.00 18.82 20.49
C ALA B 264 -2.81 17.94 20.09
N CYS B 265 -2.94 17.29 18.94
CA CYS B 265 -1.87 16.43 18.48
C CYS B 265 -0.66 17.28 18.14
N LYS B 266 -0.88 18.40 17.46
CA LYS B 266 0.24 19.28 17.14
C LYS B 266 0.97 19.71 18.44
N ALA B 267 0.22 20.05 19.50
CA ALA B 267 0.84 20.46 20.77
C ALA B 267 1.61 19.34 21.43
N ALA B 268 1.15 18.12 21.23
CA ALA B 268 1.77 16.96 21.81
C ALA B 268 2.98 16.51 21.02
N GLY B 269 3.10 17.00 19.80
CA GLY B 269 4.17 16.61 18.91
C GLY B 269 3.97 15.19 18.39
N LYS B 270 2.69 14.74 18.32
CA LYS B 270 2.41 13.36 17.86
C LYS B 270 1.24 13.40 16.92
N PRO B 271 1.18 12.51 15.93
CA PRO B 271 0.04 12.51 15.00
C PRO B 271 -1.25 12.05 15.70
N CYS B 272 -2.37 12.44 15.08
CA CYS B 272 -3.73 12.01 15.48
C CYS B 272 -4.17 11.08 14.34
N LEU B 273 -4.85 10.00 14.73
CA LEU B 273 -5.46 9.10 13.82
C LEU B 273 -6.99 9.23 13.99
N LEU B 274 -7.71 9.65 12.95
CA LEU B 274 -9.21 9.69 12.98
C LEU B 274 -9.51 8.23 12.65
N GLU B 275 -9.71 7.46 13.74
CA GLU B 275 -9.76 6.00 13.68
C GLU B 275 -11.08 5.31 13.31
N GLU B 276 -12.17 6.00 13.65
CA GLU B 276 -13.49 5.55 13.22
C GLU B 276 -14.36 6.78 12.95
N TYR B 277 -15.23 6.66 11.95
CA TYR B 277 -16.27 7.69 11.72
C TYR B 277 -17.35 7.10 10.88
N GLY B 278 -18.59 7.53 11.11
CA GLY B 278 -19.63 7.01 10.25
C GLY B 278 -20.96 7.67 10.58
N VAL B 279 -21.88 7.52 9.63
CA VAL B 279 -23.25 7.95 9.74
C VAL B 279 -24.03 6.93 8.94
N THR B 280 -25.32 6.78 9.19
CA THR B 280 -26.03 5.78 8.42
C THR B 280 -26.76 6.39 7.22
N SER B 281 -26.77 7.72 7.13
CA SER B 281 -27.43 8.47 6.05
C SER B 281 -26.56 9.56 5.45
N ASN B 282 -26.71 9.82 4.15
CA ASN B 282 -25.95 10.91 3.51
C ASN B 282 -24.44 10.71 3.72
N HIS B 283 -24.00 9.47 3.56
CA HIS B 283 -22.57 9.12 3.73
C HIS B 283 -21.60 10.03 2.99
N CYS B 284 -21.82 10.15 1.68
CA CYS B 284 -20.89 10.88 0.85
C CYS B 284 -20.75 12.34 1.20
N SER B 285 -21.85 13.08 1.36
CA SER B 285 -21.70 14.50 1.68
C SER B 285 -21.18 14.79 3.09
N VAL B 286 -21.70 14.07 4.08
CA VAL B 286 -21.27 14.26 5.46
C VAL B 286 -19.84 13.75 5.69
N GLU B 287 -19.61 12.48 5.39
CA GLU B 287 -18.28 11.92 5.64
C GLU B 287 -17.22 12.52 4.74
N GLY B 288 -17.61 12.97 3.55
CA GLY B 288 -16.63 13.58 2.65
C GLY B 288 -16.14 14.89 3.21
N ALA B 289 -17.01 15.63 3.87
CA ALA B 289 -16.59 16.89 4.46
C ALA B 289 -15.61 16.57 5.57
N TRP B 290 -15.90 15.52 6.33
CA TRP B 290 -14.95 15.16 7.42
C TRP B 290 -13.58 14.73 6.85
N GLN B 291 -13.61 14.01 5.73
CA GLN B 291 -12.35 13.56 5.09
C GLN B 291 -11.52 14.73 4.63
N LYS B 292 -12.19 15.72 4.08
CA LYS B 292 -11.51 16.92 3.62
C LYS B 292 -10.92 17.64 4.82
N THR B 293 -11.65 17.73 5.94
CA THR B 293 -11.09 18.39 7.12
C THR B 293 -9.89 17.63 7.67
N ALA B 294 -9.99 16.32 7.72
CA ALA B 294 -8.89 15.55 8.29
C ALA B 294 -7.62 15.76 7.43
N LEU B 295 -7.76 15.60 6.13
CA LEU B 295 -6.61 15.79 5.24
C LEU B 295 -5.98 17.18 5.42
N SER B 296 -6.79 18.23 5.48
CA SER B 296 -6.25 19.56 5.62
C SER B 296 -5.79 19.99 7.02
N THR B 297 -6.15 19.24 8.07
CA THR B 297 -5.76 19.62 9.42
C THR B 297 -4.35 19.21 9.84
N THR B 298 -3.55 20.17 10.27
CA THR B 298 -2.19 19.91 10.74
C THR B 298 -2.34 19.11 12.03
N GLY B 299 -1.64 18.00 12.09
CA GLY B 299 -1.72 17.17 13.27
C GLY B 299 -2.55 15.92 13.05
N VAL B 300 -3.37 15.87 12.02
CA VAL B 300 -4.14 14.64 11.75
C VAL B 300 -3.41 13.96 10.61
N GLY B 301 -2.91 12.75 10.86
CA GLY B 301 -2.08 12.06 9.87
C GLY B 301 -2.69 10.95 9.05
N ALA B 302 -3.87 10.49 9.45
CA ALA B 302 -4.56 9.43 8.68
C ALA B 302 -6.00 9.33 9.16
N ASP B 303 -6.83 8.72 8.34
CA ASP B 303 -8.25 8.54 8.73
C ASP B 303 -8.72 7.20 8.26
N LEU B 304 -9.54 6.52 9.10
CA LEU B 304 -10.05 5.20 8.76
C LEU B 304 -11.57 5.27 8.87
N PHE B 305 -12.31 5.15 7.77
CA PHE B 305 -13.76 5.16 7.95
C PHE B 305 -14.24 3.83 8.56
N TRP B 306 -15.38 3.92 9.27
CA TRP B 306 -16.02 2.71 9.79
C TRP B 306 -17.30 2.60 8.91
N GLN B 307 -17.38 1.55 8.11
CA GLN B 307 -16.43 0.43 7.99
C GLN B 307 -16.42 -0.09 6.58
N TYR B 308 -15.40 -0.88 6.27
CA TYR B 308 -15.27 -1.48 4.97
C TYR B 308 -16.33 -2.59 4.75
N GLY B 309 -16.77 -2.72 3.52
CA GLY B 309 -17.70 -3.78 3.14
C GLY B 309 -17.26 -4.38 1.81
N ASP B 310 -17.53 -5.66 1.64
CA ASP B 310 -17.23 -6.35 0.40
C ASP B 310 -18.23 -7.50 0.22
N ASP B 311 -18.16 -8.14 -0.94
CA ASP B 311 -19.04 -9.27 -1.25
C ASP B 311 -18.20 -10.52 -1.14
N LEU B 312 -18.38 -11.24 -0.04
CA LEU B 312 -17.62 -12.43 0.29
C LEU B 312 -18.30 -13.67 -0.25
N SER B 313 -17.63 -14.80 -0.08
CA SER B 313 -18.17 -16.06 -0.58
C SER B 313 -19.46 -16.34 0.15
N THR B 314 -19.57 -15.85 1.38
CA THR B 314 -20.76 -16.11 2.17
C THR B 314 -21.80 -15.02 2.01
N GLY B 315 -21.55 -14.05 1.14
CA GLY B 315 -22.50 -12.97 0.93
C GLY B 315 -21.86 -11.67 1.36
N LYS B 316 -22.66 -10.61 1.38
CA LYS B 316 -22.14 -9.34 1.78
C LYS B 316 -21.64 -9.36 3.21
N SER B 317 -20.54 -8.66 3.43
CA SER B 317 -19.98 -8.57 4.76
C SER B 317 -20.97 -7.79 5.64
N PRO B 318 -20.73 -7.71 6.95
CA PRO B 318 -21.66 -7.00 7.84
C PRO B 318 -22.06 -5.61 7.51
N ASP B 319 -23.37 -5.39 7.53
CA ASP B 319 -23.92 -4.08 7.25
C ASP B 319 -24.62 -3.46 8.47
N ASP B 320 -23.94 -2.58 9.20
CA ASP B 320 -24.55 -1.90 10.33
C ASP B 320 -25.05 -0.52 9.94
N GLY B 321 -25.23 -0.29 8.64
CA GLY B 321 -25.68 1.01 8.21
C GLY B 321 -24.55 1.99 7.93
N ASN B 322 -23.39 1.73 8.54
CA ASN B 322 -22.24 2.59 8.29
C ASN B 322 -21.38 2.00 7.19
N THR B 323 -21.58 0.75 6.89
CA THR B 323 -20.73 0.04 5.92
C THR B 323 -20.70 0.67 4.52
N ILE B 324 -19.49 0.84 3.99
CA ILE B 324 -19.30 1.39 2.63
C ILE B 324 -18.74 0.22 1.82
N TYR B 325 -19.56 -0.33 0.92
CA TYR B 325 -19.16 -1.50 0.13
C TYR B 325 -18.29 -1.21 -1.08
N TYR B 326 -17.28 -2.05 -1.23
CA TYR B 326 -16.36 -1.94 -2.39
C TYR B 326 -17.19 -1.84 -3.68
N GLY B 327 -16.75 -0.99 -4.60
CA GLY B 327 -17.46 -0.97 -5.88
C GLY B 327 -18.74 -0.23 -6.01
N THR B 328 -19.16 0.54 -5.00
CA THR B 328 -20.42 1.26 -5.08
C THR B 328 -20.17 2.72 -5.22
N SER B 329 -21.22 3.48 -5.46
CA SER B 329 -21.08 4.92 -5.60
C SER B 329 -20.52 5.59 -4.36
N ASP B 330 -20.96 5.13 -3.19
CA ASP B 330 -20.45 5.72 -1.97
C ASP B 330 -18.97 5.40 -1.79
N TYR B 331 -18.56 4.26 -2.31
CA TYR B 331 -17.17 3.89 -2.21
C TYR B 331 -16.35 4.77 -3.12
N GLN B 332 -16.92 5.10 -4.28
CA GLN B 332 -16.15 5.97 -5.18
C GLN B 332 -15.96 7.32 -4.52
N CYS B 333 -16.98 7.80 -3.83
CA CYS B 333 -16.89 9.10 -3.18
C CYS B 333 -15.94 9.10 -2.00
N LEU B 334 -16.10 8.09 -1.15
CA LEU B 334 -15.35 8.04 0.12
C LEU B 334 -14.02 7.35 0.09
N VAL B 335 -13.73 6.63 -0.98
CA VAL B 335 -12.43 5.96 -1.08
C VAL B 335 -11.70 6.46 -2.35
N THR B 336 -12.20 6.14 -3.54
CA THR B 336 -11.49 6.52 -4.77
C THR B 336 -11.21 7.98 -4.84
N ASP B 337 -12.24 8.79 -4.64
CA ASP B 337 -12.01 10.24 -4.70
C ASP B 337 -11.11 10.74 -3.58
N HIS B 338 -11.23 10.16 -2.39
CA HIS B 338 -10.43 10.62 -1.23
C HIS B 338 -8.96 10.22 -1.40
N VAL B 339 -8.70 8.97 -1.82
CA VAL B 339 -7.31 8.53 -2.00
C VAL B 339 -6.67 9.43 -3.09
N ALA B 340 -7.43 9.72 -4.15
CA ALA B 340 -6.89 10.63 -5.20
C ALA B 340 -6.61 12.03 -4.65
N ALA B 341 -7.48 12.58 -3.82
CA ALA B 341 -7.25 13.92 -3.23
C ALA B 341 -6.00 13.94 -2.36
N ILE B 342 -5.79 12.85 -1.61
CA ILE B 342 -4.65 12.78 -0.74
C ILE B 342 -3.41 12.82 -1.62
N GLY B 343 -3.47 12.12 -2.75
CA GLY B 343 -2.30 12.05 -3.61
C GLY B 343 -2.08 13.34 -4.31
N SER B 344 -3.15 14.12 -4.40
CA SER B 344 -3.08 15.38 -5.09
C SER B 344 -2.86 16.52 -4.13
N ALA B 345 -2.53 16.24 -2.89
CA ALA B 345 -2.32 17.33 -1.97
C ALA B 345 -1.02 18.10 -2.30
C1 NAG C . -3.61 -18.00 -23.04
C2 NAG C . -4.89 -18.84 -23.10
C3 NAG C . -4.52 -20.20 -23.62
C4 NAG C . -3.80 -20.09 -24.98
C5 NAG C . -2.67 -19.05 -24.93
C6 NAG C . -2.14 -18.73 -26.32
C7 NAG C . -6.42 -18.11 -21.38
C8 NAG C . -6.61 -16.80 -22.07
N2 NAG C . -5.53 -19.00 -21.82
O3 NAG C . -5.73 -20.96 -23.75
O4 NAG C . -3.20 -21.35 -25.29
O5 NAG C . -3.12 -17.81 -24.35
O6 NAG C . -0.90 -18.01 -26.26
O7 NAG C . -7.09 -18.36 -20.38
C1 NAG C . -3.85 -22.13 -26.24
C2 NAG C . -2.82 -23.03 -26.91
C3 NAG C . -3.50 -23.99 -27.87
C4 NAG C . -4.58 -24.79 -27.11
C5 NAG C . -5.54 -23.82 -26.42
C6 NAG C . -6.53 -24.52 -25.52
C7 NAG C . -0.61 -22.12 -27.22
C8 NAG C . -0.27 -22.43 -25.76
N2 NAG C . -1.88 -22.21 -27.62
O3 NAG C . -2.51 -24.86 -28.39
O4 NAG C . -5.30 -25.62 -28.02
O5 NAG C . -4.81 -22.92 -25.55
O6 NAG C . -7.25 -23.58 -24.74
O7 NAG C . 0.29 -21.80 -27.98
C1 NAG D . -6.67 16.94 31.25
C2 NAG D . -6.97 17.62 32.58
C3 NAG D . -6.53 19.07 32.48
C4 NAG D . -5.07 19.19 32.04
C5 NAG D . -4.80 18.34 30.79
C6 NAG D . -3.30 18.26 30.51
C7 NAG D . -8.95 16.63 33.54
C8 NAG D . -8.13 15.41 33.87
N2 NAG D . -8.39 17.61 32.84
O3 NAG D . -6.71 19.67 33.76
O4 NAG D . -4.83 20.56 31.64
O5 NAG D . -5.26 17.00 31.00
O6 NAG D . -3.07 17.65 29.26
O7 NAG D . -10.15 16.69 33.90
C1 NAG D . -4.20 21.40 32.54
C2 NAG D . -3.58 22.55 31.74
C3 NAG D . -2.91 23.58 32.66
C4 NAG D . -3.88 24.02 33.77
C5 NAG D . -4.61 22.82 34.44
C6 NAG D . -5.77 23.32 35.29
C7 NAG D . -2.82 22.03 29.50
C8 NAG D . -4.19 22.41 28.99
N2 NAG D . -2.60 22.02 30.81
O3 NAG D . -2.54 24.74 31.90
O4 NAG D . -3.15 24.76 34.74
O5 NAG D . -5.19 21.93 33.43
O6 NAG D . -6.52 22.25 35.83
O7 NAG D . -1.93 21.74 28.69
C1 NAG E . 12.86 17.54 -33.73
C2 NAG E . 12.05 18.72 -33.14
C3 NAG E . 11.35 19.48 -34.30
C4 NAG E . 12.40 19.92 -35.32
C5 NAG E . 13.16 18.69 -35.82
C6 NAG E . 14.23 19.04 -36.85
C7 NAG E . 11.15 18.36 -30.89
C8 NAG E . 12.36 19.10 -30.32
N2 NAG E . 11.05 18.20 -32.22
O3 NAG E . 10.64 20.62 -33.81
O4 NAG E . 11.79 20.60 -36.40
O5 NAG E . 13.81 18.02 -34.71
O6 NAG E . 15.54 19.09 -36.28
O7 NAG E . 10.28 17.91 -30.10
C TRS F . 5.84 -2.16 -7.27
C1 TRS F . 6.81 -2.07 -6.09
C2 TRS F . 6.28 -1.18 -8.35
C3 TRS F . 4.42 -1.75 -6.86
N TRS F . 5.83 -3.56 -7.75
O1 TRS F . 6.38 -2.90 -5.02
O2 TRS F . 5.59 -1.57 -9.55
O3 TRS F . 4.44 -0.40 -6.39
CL CL G . 24.22 -3.50 1.98
C1 NAG H . 11.13 -14.80 14.31
C2 NAG H . 10.50 -16.11 14.79
C3 NAG H . 11.51 -16.90 15.64
C4 NAG H . 12.85 -17.04 14.91
C5 NAG H . 13.34 -15.65 14.45
C6 NAG H . 14.67 -15.64 13.71
C7 NAG H . 8.10 -16.20 15.31
C8 NAG H . 7.90 -16.91 13.97
N2 NAG H . 9.34 -15.79 15.62
O3 NAG H . 10.96 -18.17 15.97
O4 NAG H . 13.81 -17.59 15.80
O5 NAG H . 12.34 -15.04 13.59
O6 NAG H . 14.50 -15.60 12.30
O7 NAG H . 7.13 -16.03 16.08
C TRS I . -18.19 0.88 17.18
C1 TRS I . -18.85 0.33 18.43
C2 TRS I . -19.07 0.78 15.93
C3 TRS I . -16.91 0.09 16.90
N TRS I . -17.92 2.30 17.44
O1 TRS I . -19.20 -1.05 18.23
O2 TRS I . -20.30 1.45 16.18
O3 TRS I . -15.92 0.50 17.86
#